data_5T4A
#
_entry.id   5T4A
#
_cell.length_a   80.910
_cell.length_b   96.140
_cell.length_c   104.790
_cell.angle_alpha   90.000
_cell.angle_beta   90.000
_cell.angle_gamma   90.000
#
_symmetry.space_group_name_H-M   'P 21 21 21'
#
loop_
_entity.id
_entity.type
_entity.pdbx_description
1 polymer 'Glycoside Hydrolase'
2 branched beta-D-glucopyranose-(1-3)-alpha-D-glucopyranose
3 branched beta-D-glucopyranose-(1-3)-beta-D-glucopyranose-(1-3)-beta-D-glucopyranose
4 non-polymer 1,2-ETHANEDIOL
5 non-polymer 'PHOSPHATE ION'
6 water water
#
_entity_poly.entity_id   1
_entity_poly.type   'polypeptide(L)'
_entity_poly.pdbx_seq_one_letter_code
;MGSSHHHHHHSSGLVPRGSHMHAVSVGKGSYATEFPEIDFGGINDPGFRDQQGEPPATIYRSDRVTGPMQTNSWWGSLAV
DRFSMNQYPHPFSVRHRAEGLHVFYDAPHNMVVHENREAGTWHIHGAIGTDFTIKHSGTANFEQAVVDDYNDWYVRGLLE
NGAHQMAITYGVGSPYIFVEYEDGSAVLDFDIAPDVWEMNGHVIGFSTHDHKHYAAFAPPGQNWSGIGSKTLTNNADYIA
IAKLPEKDGNMLAKFEQYAYSVVRDAVADWTYDEATGTVTTTFEVTTEAKVQGAPDGTIFALYPHQYRHLASSSENQLLQ
NYQYEIIRGTMIGLEGKRFTTELTYPGVLPSLPDLGDYDRERLIGYLHDATSDYPTGSDTYELGKYIGKLATLAPIADQM
GEYELAEQFRGELKDILEDWLQATNASGQLKGKNLFYYNENWGTILGYHAAHSSATRINDHHFHYGYFVKAAAEIARADQ
EWAKSENWGGMIDLLIRDFMADRDDDLFPYLRMFDPYSGNSWADGLATFDAGNNQESSSEAMHAWTNVILWAEATGNKAL
RDRAIYLYTTEMSAINEYFFDVHQEIFPEEYGPEIVTINWGGKMDHATWWNSGKVEKYAINWLPFHGGSLYLGHHPDYVD
RAYEELRRDIGSTDWNLWSNLVWMYRAFTNPDDALQQMEASIDDYGLFDPGNEKIIERGSTKAQTYHWIHNLAELGRVDP
TVTANHPIYAVFNKNGNRTYIVYNFSDSPITVQFSDGHSIQVEPHSFNIGNGDGPTNPDPSEP
;
_entity_poly.pdbx_strand_id   A
#
# COMPACT_ATOMS: atom_id res chain seq x y z
N MET A 21 28.81 -13.90 -15.15
CA MET A 21 28.19 -15.06 -15.82
C MET A 21 26.72 -14.75 -16.01
N HIS A 22 25.93 -15.73 -15.61
CA HIS A 22 24.51 -15.70 -15.82
C HIS A 22 23.80 -15.42 -14.48
N ALA A 23 24.51 -15.54 -13.36
CA ALA A 23 23.91 -15.49 -12.03
C ALA A 23 24.87 -14.99 -10.96
N VAL A 24 24.30 -14.49 -9.87
CA VAL A 24 25.07 -14.01 -8.74
C VAL A 24 24.75 -14.86 -7.53
N SER A 25 25.80 -15.39 -6.89
CA SER A 25 25.67 -16.12 -5.63
C SER A 25 25.35 -15.22 -4.47
N VAL A 26 24.34 -15.63 -3.70
CA VAL A 26 23.96 -14.94 -2.46
C VAL A 26 23.79 -16.05 -1.42
N GLY A 27 24.83 -16.19 -0.60
CA GLY A 27 24.93 -17.30 0.32
C GLY A 27 24.88 -18.58 -0.48
N LYS A 28 24.07 -19.52 -0.01
CA LYS A 28 23.86 -20.75 -0.75
C LYS A 28 22.96 -20.62 -1.97
N GLY A 29 22.27 -19.49 -2.13
CA GLY A 29 21.34 -19.30 -3.24
C GLY A 29 21.94 -18.46 -4.36
N SER A 30 21.09 -18.04 -5.29
CA SER A 30 21.51 -17.20 -6.40
C SER A 30 20.30 -16.59 -7.10
N TYR A 31 20.53 -15.46 -7.76
CA TYR A 31 19.58 -14.91 -8.71
C TYR A 31 20.24 -14.73 -10.07
N ALA A 32 19.42 -14.77 -11.13
CA ALA A 32 19.86 -14.61 -12.52
C ALA A 32 20.11 -13.15 -12.85
N THR A 33 21.16 -12.92 -13.64
CA THR A 33 21.45 -11.59 -14.17
C THR A 33 21.19 -11.51 -15.67
N GLU A 34 20.91 -12.64 -16.30
CA GLU A 34 20.47 -12.70 -17.68
C GLU A 34 19.05 -13.23 -17.69
N PHE A 35 18.24 -12.74 -18.61
CA PHE A 35 16.87 -13.19 -18.69
C PHE A 35 16.86 -14.68 -19.03
N PRO A 36 16.21 -15.50 -18.20
CA PRO A 36 16.24 -16.94 -18.50
C PRO A 36 15.38 -17.33 -19.71
N GLU A 37 15.75 -18.42 -20.37
CA GLU A 37 14.83 -19.07 -21.31
C GLU A 37 13.74 -19.83 -20.52
N ILE A 38 12.51 -19.36 -20.63
CA ILE A 38 11.45 -19.85 -19.76
C ILE A 38 11.00 -21.24 -20.19
N ASP A 39 10.86 -22.12 -19.23
CA ASP A 39 10.20 -23.38 -19.49
C ASP A 39 8.70 -23.21 -19.28
N PHE A 40 7.92 -23.24 -20.36
CA PHE A 40 6.47 -23.01 -20.29
C PHE A 40 5.65 -24.24 -19.87
N GLY A 41 6.29 -25.39 -19.77
CA GLY A 41 5.58 -26.61 -19.34
C GLY A 41 4.40 -26.95 -20.24
N GLY A 42 4.60 -26.77 -21.55
CA GLY A 42 3.54 -26.98 -22.54
C GLY A 42 2.22 -26.31 -22.21
N ILE A 43 2.20 -24.97 -22.29
CA ILE A 43 0.97 -24.16 -22.16
C ILE A 43 0.91 -23.15 -23.31
N ASN A 44 -0.15 -23.22 -24.10
CA ASN A 44 -0.31 -22.38 -25.27
C ASN A 44 -0.97 -21.04 -24.94
N ASP A 45 -1.79 -21.02 -23.88
CA ASP A 45 -2.53 -19.81 -23.47
C ASP A 45 -1.68 -18.55 -23.67
N PRO A 46 -2.12 -17.64 -24.55
CA PRO A 46 -1.34 -16.43 -24.80
C PRO A 46 -1.13 -15.56 -23.56
N GLY A 47 -2.11 -15.54 -22.65
CA GLY A 47 -2.06 -14.80 -21.39
C GLY A 47 -0.90 -15.26 -20.52
N PHE A 48 -0.94 -16.52 -20.11
CA PHE A 48 0.14 -17.08 -19.30
C PHE A 48 1.53 -16.89 -19.92
N ARG A 49 1.67 -17.16 -21.21
CA ARG A 49 2.97 -17.03 -21.86
C ARG A 49 3.45 -15.59 -21.84
N ASP A 50 2.54 -14.65 -22.05
CA ASP A 50 2.88 -13.22 -22.07
C ASP A 50 3.31 -12.68 -20.70
N GLN A 51 2.90 -13.36 -19.62
CA GLN A 51 3.31 -13.01 -18.26
C GLN A 51 4.79 -13.25 -18.02
N GLN A 52 5.36 -14.16 -18.80
CA GLN A 52 6.77 -14.55 -18.60
C GLN A 52 7.73 -13.64 -19.38
N GLY A 53 7.66 -12.34 -19.12
CA GLY A 53 8.54 -11.37 -19.78
C GLY A 53 9.06 -10.32 -18.81
N GLU A 54 9.42 -9.17 -19.35
CA GLU A 54 10.04 -8.11 -18.58
C GLU A 54 9.27 -6.82 -18.68
N PRO A 55 9.57 -5.88 -17.78
CA PRO A 55 8.92 -4.57 -17.87
C PRO A 55 9.48 -3.79 -19.05
N PRO A 56 8.85 -2.67 -19.42
CA PRO A 56 9.19 -1.99 -20.67
C PRO A 56 10.63 -1.55 -20.74
N ALA A 57 11.16 -1.53 -21.96
CA ALA A 57 12.55 -1.11 -22.18
C ALA A 57 12.72 0.39 -22.02
N THR A 58 11.73 1.17 -22.41
CA THR A 58 11.90 2.61 -22.42
C THR A 58 11.40 3.19 -21.11
N ILE A 59 12.25 4.00 -20.47
CA ILE A 59 11.87 4.73 -19.26
C ILE A 59 11.97 6.22 -19.58
N TYR A 60 10.87 6.95 -19.47
CA TYR A 60 10.93 8.38 -19.76
C TYR A 60 11.43 9.17 -18.56
N ARG A 61 12.74 9.22 -18.43
CA ARG A 61 13.39 9.95 -17.37
C ARG A 61 14.58 10.68 -17.94
N SER A 62 14.89 11.84 -17.42
CA SER A 62 16.02 12.62 -17.91
C SER A 62 17.35 12.03 -17.47
N ASP A 63 18.42 12.57 -18.05
CA ASP A 63 19.78 12.19 -17.68
C ASP A 63 20.07 12.48 -16.20
N ARG A 64 19.29 13.32 -15.52
CA ARG A 64 19.55 13.61 -14.11
C ARG A 64 19.09 12.48 -13.19
N VAL A 65 18.29 11.57 -13.71
CA VAL A 65 17.65 10.54 -12.90
C VAL A 65 18.26 9.20 -13.24
N THR A 66 19.02 8.67 -12.29
CA THR A 66 19.93 7.58 -12.58
C THR A 66 19.81 6.48 -11.51
N GLY A 67 20.27 5.28 -11.84
CA GLY A 67 20.21 4.19 -10.87
C GLY A 67 18.83 3.53 -10.84
N PRO A 68 18.57 2.66 -9.83
CA PRO A 68 17.30 1.91 -9.81
C PRO A 68 16.12 2.86 -9.85
N MET A 69 15.14 2.57 -10.69
CA MET A 69 14.08 3.53 -10.95
C MET A 69 12.93 3.26 -9.99
N GLN A 70 12.34 4.32 -9.49
CA GLN A 70 11.22 4.22 -8.57
C GLN A 70 10.02 3.74 -9.36
N THR A 71 9.24 2.84 -8.77
CA THR A 71 8.02 2.30 -9.36
C THR A 71 6.84 2.34 -8.36
N ASN A 72 5.69 1.83 -8.78
CA ASN A 72 4.55 1.71 -7.88
C ASN A 72 4.23 3.02 -7.18
N SER A 73 4.19 4.09 -7.95
CA SER A 73 3.96 5.40 -7.37
C SER A 73 2.75 6.03 -7.97
N TRP A 74 2.26 7.10 -7.35
CA TRP A 74 1.08 7.78 -7.83
C TRP A 74 1.37 8.47 -9.17
N TRP A 75 2.65 8.74 -9.44
CA TRP A 75 3.07 9.46 -10.64
C TRP A 75 3.61 8.59 -11.78
N GLY A 76 3.60 7.29 -11.61
CA GLY A 76 4.33 6.41 -12.52
C GLY A 76 4.07 6.55 -14.02
N SER A 77 2.87 6.93 -14.43
CA SER A 77 2.56 6.96 -15.88
C SER A 77 3.44 7.95 -16.62
N LEU A 78 3.98 8.94 -15.91
CA LEU A 78 4.94 9.89 -16.48
C LEU A 78 6.24 9.22 -16.93
N ALA A 79 6.67 8.19 -16.20
CA ALA A 79 7.90 7.45 -16.52
C ALA A 79 7.71 6.39 -17.62
N VAL A 80 6.48 5.92 -17.79
CA VAL A 80 6.17 4.82 -18.71
C VAL A 80 5.58 5.30 -20.03
N ASP A 81 4.66 6.26 -19.97
CA ASP A 81 4.01 6.80 -21.15
C ASP A 81 4.91 7.88 -21.72
N ARG A 82 4.88 8.05 -23.03
CA ARG A 82 5.61 9.13 -23.66
C ARG A 82 5.31 10.46 -23.02
N PHE A 83 4.03 10.71 -22.74
CA PHE A 83 3.66 11.90 -21.96
C PHE A 83 3.30 11.48 -20.52
N SER A 84 2.02 11.47 -20.16
CA SER A 84 1.60 10.80 -18.96
C SER A 84 0.17 10.39 -19.16
N MET A 85 -0.36 9.57 -18.27
CA MET A 85 -1.78 9.40 -18.21
C MET A 85 -2.30 10.31 -17.08
N ASN A 86 -3.59 10.21 -16.78
CA ASN A 86 -4.18 11.11 -15.82
C ASN A 86 -3.63 10.78 -14.42
N GLN A 87 -3.24 11.81 -13.68
CA GLN A 87 -2.64 11.66 -12.38
C GLN A 87 -3.37 12.50 -11.35
N TYR A 88 -3.30 12.05 -10.08
CA TYR A 88 -4.03 12.69 -8.98
C TYR A 88 -3.13 13.24 -7.87
N PRO A 89 -2.39 14.33 -8.14
CA PRO A 89 -1.68 15.00 -7.07
C PRO A 89 -2.65 15.84 -6.25
N HIS A 90 -3.39 15.17 -5.37
CA HIS A 90 -4.55 15.78 -4.69
C HIS A 90 -4.10 17.11 -4.05
N PRO A 91 -4.89 18.18 -4.20
CA PRO A 91 -6.27 18.13 -4.67
C PRO A 91 -6.51 18.19 -6.18
N PHE A 92 -5.44 18.31 -6.99
CA PHE A 92 -5.55 18.35 -8.43
C PHE A 92 -5.63 16.96 -9.04
N SER A 93 -6.11 16.92 -10.28
CA SER A 93 -5.70 15.90 -11.23
C SER A 93 -5.02 16.64 -12.38
N VAL A 94 -4.04 15.99 -12.99
CA VAL A 94 -3.28 16.60 -14.07
C VAL A 94 -2.91 15.55 -15.08
N ARG A 95 -2.60 16.00 -16.29
CA ARG A 95 -1.98 15.12 -17.27
C ARG A 95 -1.11 15.87 -18.25
N HIS A 96 -0.01 15.24 -18.64
CA HIS A 96 0.92 15.80 -19.56
C HIS A 96 0.45 15.47 -20.98
N ARG A 97 0.54 16.45 -21.87
CA ARG A 97 0.25 16.28 -23.29
C ARG A 97 1.27 17.06 -24.09
N ALA A 98 1.32 16.83 -25.40
CA ALA A 98 2.25 17.60 -26.25
C ALA A 98 2.09 19.11 -26.11
N GLU A 99 0.86 19.57 -25.92
CA GLU A 99 0.56 21.00 -25.89
C GLU A 99 0.83 21.64 -24.55
N GLY A 100 1.00 20.84 -23.50
CA GLY A 100 1.27 21.35 -22.15
C GLY A 100 0.66 20.46 -21.07
N LEU A 101 0.58 20.97 -19.84
CA LEU A 101 -0.02 20.22 -18.75
C LEU A 101 -1.47 20.66 -18.49
N HIS A 102 -2.41 19.73 -18.65
CA HIS A 102 -3.79 19.96 -18.32
C HIS A 102 -3.96 19.86 -16.80
N VAL A 103 -4.81 20.74 -16.27
CA VAL A 103 -5.09 20.84 -14.86
C VAL A 103 -6.58 20.81 -14.64
N PHE A 104 -6.99 20.05 -13.63
CA PHE A 104 -8.41 19.82 -13.37
C PHE A 104 -8.64 19.62 -11.87
N TYR A 105 -9.80 20.04 -11.39
CA TYR A 105 -10.27 19.68 -10.08
C TYR A 105 -11.70 19.11 -10.22
N ASP A 106 -11.94 17.95 -9.62
CA ASP A 106 -13.26 17.35 -9.61
C ASP A 106 -14.16 18.08 -8.61
N ALA A 107 -15.05 18.95 -9.07
CA ALA A 107 -16.02 19.61 -8.16
C ALA A 107 -17.21 18.65 -7.97
N PRO A 108 -18.15 18.96 -7.07
CA PRO A 108 -19.27 18.04 -6.83
C PRO A 108 -20.04 17.63 -8.10
N HIS A 109 -20.23 18.57 -9.03
CA HIS A 109 -20.94 18.27 -10.27
C HIS A 109 -20.14 17.37 -11.25
N ASN A 110 -18.84 17.20 -11.03
CA ASN A 110 -18.01 16.22 -11.78
C ASN A 110 -18.06 14.80 -11.20
N MET A 111 -18.50 14.67 -9.96
CA MET A 111 -18.45 13.40 -9.26
C MET A 111 -19.75 12.61 -9.39
N VAL A 112 -19.63 11.31 -9.58
CA VAL A 112 -20.76 10.41 -9.73
C VAL A 112 -20.54 9.20 -8.85
N VAL A 113 -21.63 8.50 -8.53
CA VAL A 113 -21.56 7.13 -8.02
C VAL A 113 -22.25 6.24 -9.07
N HIS A 114 -21.48 5.42 -9.77
CA HIS A 114 -22.02 4.48 -10.76
C HIS A 114 -22.12 3.09 -10.21
N GLU A 115 -22.94 2.30 -10.87
CA GLU A 115 -23.38 1.02 -10.37
C GLU A 115 -23.59 0.10 -11.56
N ASN A 116 -23.13 -1.14 -11.48
CA ASN A 116 -23.67 -2.18 -12.31
C ASN A 116 -24.46 -3.06 -11.38
N ARG A 117 -25.78 -2.91 -11.43
CA ARG A 117 -26.65 -3.54 -10.45
C ARG A 117 -26.58 -5.05 -10.50
N GLU A 118 -26.63 -5.64 -11.70
CA GLU A 118 -26.63 -7.09 -11.79
C GLU A 118 -25.26 -7.68 -11.46
N ALA A 119 -24.17 -6.96 -11.76
CA ALA A 119 -22.84 -7.36 -11.33
C ALA A 119 -22.58 -7.11 -9.83
N GLY A 120 -23.40 -6.28 -9.18
CA GLY A 120 -23.15 -5.87 -7.80
C GLY A 120 -21.85 -5.07 -7.64
N THR A 121 -21.52 -4.25 -8.64
CA THR A 121 -20.38 -3.37 -8.50
C THR A 121 -20.83 -1.93 -8.33
N TRP A 122 -19.96 -1.14 -7.70
CA TRP A 122 -20.18 0.26 -7.41
C TRP A 122 -18.88 0.98 -7.69
N HIS A 123 -18.97 2.23 -8.10
CA HIS A 123 -17.80 3.01 -8.50
C HIS A 123 -18.00 4.47 -8.18
N ILE A 124 -17.09 5.03 -7.38
CA ILE A 124 -17.12 6.44 -7.07
C ILE A 124 -16.01 7.05 -7.92
N HIS A 125 -16.34 7.98 -8.81
CA HIS A 125 -15.30 8.62 -9.60
C HIS A 125 -15.72 9.99 -10.12
N GLY A 126 -14.77 10.64 -10.77
CA GLY A 126 -14.98 11.96 -11.36
C GLY A 126 -14.84 11.94 -12.86
N ALA A 127 -14.38 13.08 -13.41
CA ALA A 127 -14.24 13.31 -14.84
C ALA A 127 -12.79 13.48 -15.23
N ILE A 128 -12.47 13.18 -16.48
CA ILE A 128 -11.15 13.44 -17.02
C ILE A 128 -11.32 14.75 -17.78
N GLY A 129 -11.30 15.86 -17.07
CA GLY A 129 -11.55 17.15 -17.73
C GLY A 129 -10.29 17.99 -17.73
N THR A 130 -10.48 19.22 -18.19
CA THR A 130 -9.45 20.20 -18.23
C THR A 130 -10.10 21.51 -17.81
N ASP A 131 -9.62 22.11 -16.73
CA ASP A 131 -10.03 23.45 -16.35
C ASP A 131 -9.18 24.44 -17.12
N PHE A 132 -7.89 24.17 -17.23
CA PHE A 132 -7.01 24.95 -18.10
C PHE A 132 -5.77 24.15 -18.42
N THR A 133 -4.96 24.68 -19.34
CA THR A 133 -3.73 24.06 -19.73
C THR A 133 -2.57 25.03 -19.52
N ILE A 134 -1.54 24.56 -18.83
CA ILE A 134 -0.31 25.34 -18.66
C ILE A 134 0.57 25.11 -19.89
N LYS A 135 0.87 26.20 -20.58
CA LYS A 135 1.62 26.13 -21.83
C LYS A 135 2.87 26.98 -21.78
N HIS A 136 3.72 26.72 -22.76
CA HIS A 136 4.97 27.43 -22.97
C HIS A 136 4.78 28.31 -24.23
N SER A 137 5.03 29.60 -24.11
CA SER A 137 4.74 30.58 -25.17
C SER A 137 5.42 30.29 -26.52
N GLY A 138 6.54 29.59 -26.51
CA GLY A 138 7.23 29.24 -27.75
C GLY A 138 7.07 27.84 -28.34
N THR A 139 6.21 26.98 -27.77
CA THR A 139 6.08 25.60 -28.24
C THR A 139 4.64 25.15 -28.27
N ALA A 140 4.13 24.85 -29.46
CA ALA A 140 2.81 24.28 -29.60
C ALA A 140 2.80 22.82 -29.16
N ASN A 141 3.89 22.11 -29.43
CA ASN A 141 3.94 20.69 -29.17
C ASN A 141 5.32 20.20 -28.75
N PHE A 142 5.38 19.75 -27.51
CA PHE A 142 6.55 19.07 -26.98
C PHE A 142 6.59 17.64 -27.49
N GLU A 143 7.79 17.06 -27.51
CA GLU A 143 8.02 15.70 -28.03
C GLU A 143 7.79 14.61 -26.96
N GLN A 144 8.04 14.94 -25.70
CA GLN A 144 7.81 14.00 -24.61
C GLN A 144 7.82 14.68 -23.24
N ALA A 145 7.35 13.94 -22.24
CA ALA A 145 7.44 14.37 -20.85
C ALA A 145 8.18 13.31 -20.02
N VAL A 146 9.21 13.75 -19.31
CA VAL A 146 10.04 12.85 -18.55
C VAL A 146 10.07 13.20 -17.07
N VAL A 147 10.37 12.19 -16.27
CA VAL A 147 10.67 12.39 -14.89
C VAL A 147 12.06 13.03 -14.85
N ASP A 148 12.13 14.23 -14.29
CA ASP A 148 13.38 14.96 -14.16
C ASP A 148 13.93 14.87 -12.76
N ASP A 149 13.07 14.64 -11.76
CA ASP A 149 13.50 14.43 -10.37
C ASP A 149 12.30 13.94 -9.57
N TYR A 150 12.55 13.34 -8.41
CA TYR A 150 11.48 13.03 -7.50
C TYR A 150 12.03 12.81 -6.09
N ASN A 151 11.13 12.84 -5.11
CA ASN A 151 11.52 12.70 -3.71
C ASN A 151 10.44 11.84 -3.04
N ASP A 152 10.19 11.97 -1.74
CA ASP A 152 9.34 10.98 -1.12
C ASP A 152 7.88 11.05 -1.64
N TRP A 153 7.43 12.20 -2.11
CA TRP A 153 6.09 12.26 -2.66
C TRP A 153 5.79 13.33 -3.71
N TYR A 154 6.74 14.21 -4.02
CA TYR A 154 6.62 15.11 -5.15
C TYR A 154 7.36 14.54 -6.34
N VAL A 155 7.01 15.05 -7.51
CA VAL A 155 7.74 14.73 -8.72
C VAL A 155 7.98 16.01 -9.51
N ARG A 156 9.08 16.03 -10.26
CA ARG A 156 9.34 17.07 -11.27
C ARG A 156 9.24 16.44 -12.64
N GLY A 157 8.21 16.80 -13.40
CA GLY A 157 8.09 16.40 -14.79
C GLY A 157 8.70 17.46 -15.71
N LEU A 158 9.33 17.03 -16.79
CA LEU A 158 10.00 17.95 -17.72
C LEU A 158 9.46 17.71 -19.13
N LEU A 159 8.73 18.69 -19.66
CA LEU A 159 8.28 18.68 -21.06
C LEU A 159 9.38 19.30 -21.89
N GLU A 160 9.84 18.59 -22.92
CA GLU A 160 11.06 18.98 -23.61
C GLU A 160 10.99 18.98 -25.14
N ASN A 161 11.63 19.99 -25.73
CA ASN A 161 11.60 20.34 -27.18
C ASN A 161 12.86 21.17 -27.56
N GLY A 162 14.03 20.50 -27.58
CA GLY A 162 15.33 21.20 -27.75
C GLY A 162 15.61 22.25 -26.68
N ALA A 163 15.75 23.50 -27.08
CA ALA A 163 15.97 24.62 -26.16
C ALA A 163 14.75 24.93 -25.28
N HIS A 164 13.55 24.69 -25.80
CA HIS A 164 12.32 25.01 -25.08
C HIS A 164 12.02 23.92 -24.06
N GLN A 165 11.87 24.29 -22.79
CA GLN A 165 11.54 23.34 -21.73
C GLN A 165 10.55 23.94 -20.78
N MET A 166 9.70 23.08 -20.21
CA MET A 166 8.80 23.48 -19.15
C MET A 166 8.88 22.39 -18.09
N ALA A 167 9.35 22.76 -16.90
CA ALA A 167 9.48 21.84 -15.78
C ALA A 167 8.40 22.17 -14.79
N ILE A 168 7.60 21.17 -14.48
CA ILE A 168 6.49 21.28 -13.54
C ILE A 168 6.75 20.42 -12.32
N THR A 169 6.68 21.04 -11.16
CA THR A 169 6.82 20.36 -9.88
C THR A 169 5.47 20.33 -9.18
N TYR A 170 5.05 19.13 -8.79
CA TYR A 170 3.74 18.89 -8.20
C TYR A 170 3.78 17.63 -7.31
N GLY A 171 2.73 17.44 -6.52
CA GLY A 171 2.75 16.39 -5.54
C GLY A 171 1.41 16.13 -4.89
N VAL A 172 1.21 14.88 -4.47
CA VAL A 172 0.09 14.56 -3.59
C VAL A 172 0.23 15.43 -2.38
N GLY A 173 -0.87 15.98 -1.91
CA GLY A 173 -0.84 16.83 -0.74
C GLY A 173 -0.24 18.19 -0.99
N SER A 174 -0.12 18.59 -2.26
CA SER A 174 0.37 19.95 -2.59
C SER A 174 -0.69 20.71 -3.35
N PRO A 175 -1.17 21.84 -2.80
CA PRO A 175 -2.12 22.64 -3.55
C PRO A 175 -1.45 23.65 -4.50
N TYR A 176 -0.13 23.55 -4.64
CA TYR A 176 0.62 24.27 -5.68
C TYR A 176 1.10 23.39 -6.81
N ILE A 177 1.16 23.99 -8.00
CA ILE A 177 1.94 23.46 -9.10
C ILE A 177 2.95 24.52 -9.46
N PHE A 178 4.23 24.20 -9.38
CA PHE A 178 5.31 25.15 -9.65
C PHE A 178 5.82 24.93 -11.08
N VAL A 179 5.87 25.99 -11.87
CA VAL A 179 6.22 25.90 -13.26
C VAL A 179 7.45 26.74 -13.60
N GLU A 180 8.48 26.08 -14.14
CA GLU A 180 9.74 26.75 -14.53
C GLU A 180 10.04 26.62 -16.03
N TYR A 181 10.23 27.76 -16.70
CA TYR A 181 10.33 27.80 -18.16
C TYR A 181 11.75 28.02 -18.60
N GLU A 182 12.12 27.39 -19.72
CA GLU A 182 13.38 27.68 -20.40
C GLU A 182 13.11 28.20 -21.79
N ASP A 183 13.67 29.35 -22.11
CA ASP A 183 13.54 29.96 -23.43
C ASP A 183 12.06 30.15 -23.78
N GLY A 184 11.32 30.75 -22.86
CA GLY A 184 9.89 30.95 -23.03
C GLY A 184 9.20 31.51 -21.80
N SER A 185 7.90 31.76 -21.94
CA SER A 185 7.15 32.38 -20.89
C SER A 185 5.79 31.71 -20.75
N ALA A 186 5.02 32.18 -19.78
CA ALA A 186 3.85 31.48 -19.29
C ALA A 186 2.58 31.83 -20.01
N VAL A 187 1.80 30.79 -20.30
CA VAL A 187 0.50 30.89 -20.92
C VAL A 187 -0.45 29.94 -20.19
N LEU A 188 -1.63 30.43 -19.83
CA LEU A 188 -2.69 29.59 -19.28
C LEU A 188 -3.83 29.65 -20.26
N ASP A 189 -4.16 28.52 -20.87
CA ASP A 189 -5.17 28.45 -21.94
C ASP A 189 -6.47 27.78 -21.45
N PHE A 190 -7.58 28.45 -21.73
CA PHE A 190 -8.91 28.03 -21.28
C PHE A 190 -9.82 27.83 -22.50
N ASP A 191 -10.66 26.78 -22.46
CA ASP A 191 -11.70 26.61 -23.50
C ASP A 191 -12.75 27.72 -23.41
N ILE A 192 -13.10 28.12 -22.19
CA ILE A 192 -14.04 29.21 -21.95
C ILE A 192 -13.38 30.23 -21.02
N ALA A 193 -13.52 31.50 -21.35
CA ALA A 193 -12.88 32.58 -20.61
C ALA A 193 -13.17 32.47 -19.11
N PRO A 194 -12.12 32.54 -18.27
CA PRO A 194 -12.34 32.55 -16.84
C PRO A 194 -12.66 33.96 -16.32
N ASP A 195 -13.31 34.00 -15.17
CA ASP A 195 -13.57 35.25 -14.46
C ASP A 195 -12.38 35.61 -13.57
N VAL A 196 -11.66 36.66 -13.91
CA VAL A 196 -10.52 37.07 -13.10
C VAL A 196 -11.01 38.04 -12.03
N TRP A 197 -11.23 37.50 -10.83
CA TRP A 197 -11.89 38.26 -9.77
C TRP A 197 -10.94 39.03 -8.87
N GLU A 198 -9.65 38.75 -8.94
CA GLU A 198 -8.68 39.62 -8.31
C GLU A 198 -7.45 39.73 -9.19
N MET A 199 -7.24 40.93 -9.73
CA MET A 199 -6.07 41.26 -10.53
C MET A 199 -5.17 42.14 -9.68
N ASN A 200 -4.10 41.59 -9.13
CA ASN A 200 -3.10 42.38 -8.41
C ASN A 200 -1.78 42.44 -9.16
N GLY A 201 -1.89 42.65 -10.47
CA GLY A 201 -0.71 42.74 -11.35
C GLY A 201 -0.06 41.40 -11.62
N HIS A 202 0.82 40.99 -10.71
CA HIS A 202 1.59 39.77 -10.88
C HIS A 202 0.94 38.56 -10.19
N VAL A 203 -0.09 38.82 -9.41
CA VAL A 203 -0.91 37.78 -8.78
C VAL A 203 -2.34 37.92 -9.24
N ILE A 204 -2.95 36.82 -9.69
CA ILE A 204 -4.36 36.83 -10.05
C ILE A 204 -5.13 35.71 -9.38
N GLY A 205 -6.36 36.01 -9.02
CA GLY A 205 -7.30 35.01 -8.55
C GLY A 205 -8.36 34.90 -9.61
N PHE A 206 -8.67 33.68 -10.03
CA PHE A 206 -9.66 33.46 -11.06
C PHE A 206 -10.56 32.27 -10.77
N SER A 207 -11.70 32.26 -11.46
CA SER A 207 -12.60 31.12 -11.43
C SER A 207 -12.87 30.63 -12.82
N THR A 208 -12.97 29.32 -12.98
CA THR A 208 -13.45 28.75 -14.21
C THR A 208 -14.89 29.16 -14.38
N HIS A 209 -15.37 29.06 -15.61
CA HIS A 209 -16.76 29.31 -15.92
C HIS A 209 -17.71 28.46 -15.08
N ASP A 210 -17.26 27.30 -14.59
CA ASP A 210 -18.09 26.49 -13.69
C ASP A 210 -17.69 26.62 -12.22
N HIS A 211 -17.15 27.78 -11.88
CA HIS A 211 -16.98 28.23 -10.49
C HIS A 211 -15.92 27.51 -9.65
N LYS A 212 -14.86 27.04 -10.29
CA LYS A 212 -13.74 26.44 -9.55
C LYS A 212 -12.65 27.50 -9.38
N HIS A 213 -12.14 27.63 -8.16
CA HIS A 213 -11.28 28.74 -7.78
C HIS A 213 -9.82 28.38 -7.74
N TYR A 214 -9.03 29.20 -8.44
CA TYR A 214 -7.59 29.03 -8.58
C TYR A 214 -6.89 30.37 -8.45
N ALA A 215 -5.57 30.35 -8.38
CA ALA A 215 -4.77 31.56 -8.36
C ALA A 215 -3.54 31.28 -9.13
N ALA A 216 -2.99 32.31 -9.75
CA ALA A 216 -1.69 32.21 -10.40
C ALA A 216 -0.78 33.33 -9.92
N PHE A 217 0.49 32.99 -9.74
CA PHE A 217 1.47 33.85 -9.12
C PHE A 217 2.71 33.96 -10.00
N ALA A 218 3.07 35.18 -10.42
CA ALA A 218 4.33 35.45 -11.07
C ALA A 218 5.16 36.33 -10.15
N PRO A 219 6.48 36.42 -10.40
CA PRO A 219 7.27 37.27 -9.54
C PRO A 219 6.86 38.75 -9.62
N PRO A 220 7.05 39.49 -8.50
CA PRO A 220 6.74 40.92 -8.52
C PRO A 220 7.33 41.65 -9.72
N GLY A 221 6.51 42.46 -10.38
CA GLY A 221 6.94 43.23 -11.53
C GLY A 221 6.61 42.59 -12.85
N GLN A 222 6.16 41.34 -12.84
CA GLN A 222 5.76 40.64 -14.05
C GLN A 222 4.26 40.49 -14.10
N ASN A 223 3.57 41.37 -14.80
CA ASN A 223 2.10 41.36 -14.76
C ASN A 223 1.42 40.45 -15.77
N TRP A 224 0.21 40.01 -15.40
CA TRP A 224 -0.62 39.15 -16.21
C TRP A 224 -1.36 39.96 -17.27
N SER A 225 -1.46 39.41 -18.48
CA SER A 225 -2.27 39.97 -19.56
C SER A 225 -3.24 38.96 -20.10
N GLY A 226 -4.17 39.42 -20.93
CA GLY A 226 -5.22 38.57 -21.47
C GLY A 226 -6.45 38.46 -20.58
N ILE A 227 -6.52 39.30 -19.55
CA ILE A 227 -7.67 39.32 -18.65
C ILE A 227 -8.95 39.54 -19.46
N GLY A 228 -9.95 38.68 -19.25
CA GLY A 228 -11.18 38.74 -20.04
C GLY A 228 -11.17 37.82 -21.26
N SER A 229 -10.00 37.31 -21.64
CA SER A 229 -9.87 36.43 -22.79
C SER A 229 -9.73 34.98 -22.33
N LYS A 230 -9.64 34.08 -23.31
CA LYS A 230 -9.44 32.67 -23.06
C LYS A 230 -7.99 32.32 -22.73
N THR A 231 -7.07 33.28 -22.82
CA THR A 231 -5.67 32.99 -22.69
C THR A 231 -5.01 34.06 -21.81
N LEU A 232 -4.62 33.66 -20.61
CA LEU A 232 -3.88 34.52 -19.68
C LEU A 232 -2.40 34.30 -19.90
N THR A 233 -1.63 35.38 -19.98
CA THR A 233 -0.20 35.28 -20.30
C THR A 233 0.61 36.10 -19.33
N ASN A 234 1.87 35.73 -19.15
CA ASN A 234 2.81 36.46 -18.32
C ASN A 234 4.19 36.29 -18.92
N ASN A 235 5.00 37.34 -18.93
CA ASN A 235 6.33 37.22 -19.49
C ASN A 235 7.33 36.46 -18.62
N ALA A 236 6.95 36.14 -17.38
CA ALA A 236 7.88 35.53 -16.45
C ALA A 236 8.29 34.14 -16.90
N ASP A 237 9.46 33.72 -16.44
CA ASP A 237 9.94 32.35 -16.65
C ASP A 237 9.65 31.46 -15.45
N TYR A 238 8.91 31.98 -14.47
CA TYR A 238 8.44 31.18 -13.34
C TYR A 238 7.02 31.58 -12.92
N ILE A 239 6.13 30.60 -12.76
CA ILE A 239 4.86 30.83 -12.10
C ILE A 239 4.49 29.67 -11.20
N ALA A 240 3.58 29.94 -10.28
CA ALA A 240 2.93 28.91 -9.50
C ALA A 240 1.43 29.03 -9.67
N ILE A 241 0.78 27.88 -9.69
CA ILE A 241 -0.64 27.76 -9.73
C ILE A 241 -1.07 27.21 -8.38
N ALA A 242 -2.12 27.78 -7.81
CA ALA A 242 -2.65 27.22 -6.61
C ALA A 242 -4.12 26.92 -6.80
N LYS A 243 -4.58 25.81 -6.23
CA LYS A 243 -6.01 25.60 -6.07
C LYS A 243 -6.43 26.25 -4.76
N LEU A 244 -7.38 27.18 -4.84
CA LEU A 244 -7.86 27.90 -3.66
C LEU A 244 -9.02 27.12 -3.07
N PRO A 245 -9.09 27.01 -1.74
CA PRO A 245 -10.23 26.30 -1.13
C PRO A 245 -11.54 27.04 -1.31
N GLU A 246 -11.47 28.37 -1.35
CA GLU A 246 -12.62 29.27 -1.53
C GLU A 246 -12.16 30.46 -2.32
N LYS A 247 -13.13 31.21 -2.83
CA LYS A 247 -12.89 32.48 -3.51
C LYS A 247 -12.80 33.54 -2.42
N ASP A 248 -11.61 33.96 -2.06
CA ASP A 248 -11.39 34.67 -0.80
C ASP A 248 -10.01 35.30 -0.81
N GLY A 249 -9.96 36.62 -0.69
CA GLY A 249 -8.71 37.41 -0.75
C GLY A 249 -7.69 37.09 0.33
N ASN A 250 -8.17 36.73 1.52
CA ASN A 250 -7.28 36.31 2.61
C ASN A 250 -6.52 35.02 2.32
N MET A 251 -7.22 34.06 1.75
CA MET A 251 -6.61 32.81 1.29
C MET A 251 -5.62 33.12 0.18
N LEU A 252 -6.08 33.89 -0.80
CA LEU A 252 -5.21 34.35 -1.89
C LEU A 252 -3.92 34.94 -1.34
N ALA A 253 -4.02 35.79 -0.31
CA ALA A 253 -2.82 36.36 0.31
C ALA A 253 -1.96 35.31 1.00
N LYS A 254 -2.58 34.36 1.67
CA LYS A 254 -1.84 33.29 2.33
C LYS A 254 -1.08 32.44 1.30
N PHE A 255 -1.76 32.11 0.21
CA PHE A 255 -1.11 31.36 -0.84
C PHE A 255 0.04 32.13 -1.48
N GLU A 256 -0.07 33.45 -1.56
CA GLU A 256 0.99 34.32 -2.09
C GLU A 256 2.27 34.25 -1.25
N GLN A 257 2.14 34.11 0.07
CA GLN A 257 3.30 33.99 0.93
C GLN A 257 4.21 32.81 0.56
N TYR A 258 3.66 31.73 0.05
CA TYR A 258 4.47 30.54 -0.20
C TYR A 258 4.60 30.15 -1.66
N ALA A 259 4.17 31.03 -2.55
CA ALA A 259 4.09 30.73 -3.97
C ALA A 259 5.45 30.78 -4.64
N TYR A 260 6.43 31.36 -3.98
CA TYR A 260 7.76 31.46 -4.55
C TYR A 260 8.72 30.54 -3.84
N SER A 261 8.19 29.62 -3.04
CA SER A 261 8.99 28.63 -2.33
C SER A 261 8.81 27.23 -3.00
N VAL A 262 9.64 26.94 -4.00
CA VAL A 262 9.46 25.73 -4.79
C VAL A 262 10.06 24.54 -4.06
N VAL A 263 9.26 23.50 -3.90
CA VAL A 263 9.72 22.32 -3.22
C VAL A 263 10.75 21.59 -4.05
N ARG A 264 11.94 21.41 -3.48
CA ARG A 264 13.00 20.60 -4.08
C ARG A 264 13.19 19.25 -3.39
N ASP A 265 13.06 19.20 -2.06
CA ASP A 265 13.23 17.96 -1.34
C ASP A 265 11.99 17.75 -0.53
N ALA A 266 11.66 16.50 -0.28
CA ALA A 266 10.54 16.15 0.58
C ALA A 266 10.82 14.79 1.17
N VAL A 267 10.76 14.71 2.50
CA VAL A 267 11.26 13.56 3.22
C VAL A 267 10.25 13.19 4.30
N ALA A 268 9.83 11.93 4.32
CA ALA A 268 9.07 11.37 5.42
C ALA A 268 10.01 10.57 6.33
N ASP A 269 10.38 11.15 7.47
CA ASP A 269 11.28 10.51 8.43
C ASP A 269 10.45 9.96 9.57
N TRP A 270 10.79 8.79 10.07
CA TRP A 270 9.96 8.14 11.09
C TRP A 270 10.84 7.63 12.22
N THR A 271 10.26 7.51 13.41
CA THR A 271 10.89 6.77 14.49
C THR A 271 9.86 5.82 15.08
N TYR A 272 10.37 4.71 15.64
CA TYR A 272 9.57 3.77 16.43
C TYR A 272 10.03 3.76 17.88
N ASP A 273 9.11 4.00 18.80
CA ASP A 273 9.46 4.04 20.22
C ASP A 273 9.23 2.64 20.82
N GLU A 274 10.29 1.96 21.20
N GLU A 274 10.32 1.97 21.19
CA GLU A 274 10.17 0.58 21.68
CA GLU A 274 10.31 0.62 21.80
C GLU A 274 9.47 0.42 23.04
C GLU A 274 9.32 0.49 22.95
N ALA A 275 9.30 1.52 23.79
CA ALA A 275 8.60 1.48 25.07
C ALA A 275 7.10 1.72 24.92
N THR A 276 6.73 2.67 24.07
CA THR A 276 5.33 3.08 23.96
C THR A 276 4.57 2.52 22.77
N GLY A 277 5.29 2.00 21.77
CA GLY A 277 4.66 1.55 20.55
C GLY A 277 4.37 2.67 19.56
N THR A 278 4.79 3.90 19.88
CA THR A 278 4.43 5.06 19.04
C THR A 278 5.30 5.10 17.80
N VAL A 279 4.66 5.18 16.65
CA VAL A 279 5.35 5.46 15.39
C VAL A 279 5.14 6.93 15.08
N THR A 280 6.22 7.68 14.99
CA THR A 280 6.15 9.11 14.78
C THR A 280 6.71 9.38 13.38
N THR A 281 5.96 10.05 12.52
CA THR A 281 6.44 10.39 11.17
C THR A 281 6.46 11.88 10.96
N THR A 282 7.62 12.42 10.54
CA THR A 282 7.74 13.86 10.28
C THR A 282 7.89 14.05 8.79
N PHE A 283 7.00 14.85 8.23
CA PHE A 283 6.99 15.17 6.82
C PHE A 283 7.64 16.53 6.65
N GLU A 284 8.78 16.59 5.96
CA GLU A 284 9.51 17.85 5.87
C GLU A 284 9.89 18.22 4.44
N VAL A 285 9.62 19.46 4.05
CA VAL A 285 10.09 19.97 2.77
C VAL A 285 11.27 20.91 2.92
N THR A 286 12.06 20.95 1.87
CA THR A 286 13.04 21.98 1.67
C THR A 286 12.75 22.69 0.37
N THR A 287 12.72 24.01 0.42
CA THR A 287 12.34 24.80 -0.74
C THR A 287 13.50 25.64 -1.26
N GLU A 288 13.37 26.09 -2.51
CA GLU A 288 14.26 27.07 -3.08
C GLU A 288 13.46 28.33 -3.42
N ALA A 289 13.97 29.48 -3.03
CA ALA A 289 13.23 30.73 -3.14
C ALA A 289 13.33 31.25 -4.55
N LYS A 290 12.20 31.65 -5.14
CA LYS A 290 12.23 32.27 -6.47
C LYS A 290 12.21 33.78 -6.43
N VAL A 291 11.95 34.33 -5.26
CA VAL A 291 12.08 35.74 -5.04
C VAL A 291 12.77 35.90 -3.71
N GLN A 292 13.40 37.04 -3.53
CA GLN A 292 14.15 37.31 -2.34
C GLN A 292 13.26 37.23 -1.11
N GLY A 293 13.72 36.49 -0.11
CA GLY A 293 13.07 36.40 1.19
C GLY A 293 11.89 35.43 1.28
N ALA A 294 11.73 34.57 0.29
CA ALA A 294 10.64 33.60 0.28
C ALA A 294 10.89 32.59 1.39
N PRO A 295 9.88 32.29 2.20
CA PRO A 295 10.14 31.46 3.36
C PRO A 295 10.44 30.01 3.00
N ASP A 296 11.19 29.31 3.85
CA ASP A 296 11.40 27.87 3.67
C ASP A 296 10.22 27.08 4.22
N GLY A 297 9.18 26.95 3.40
CA GLY A 297 7.97 26.27 3.82
C GLY A 297 7.01 26.20 2.67
N THR A 298 5.84 25.62 2.92
CA THR A 298 4.80 25.50 1.90
C THR A 298 3.47 25.43 2.60
N ILE A 299 2.42 25.21 1.81
CA ILE A 299 1.13 24.86 2.37
C ILE A 299 0.88 23.43 1.94
N PHE A 300 0.76 22.53 2.92
CA PHE A 300 0.48 21.14 2.66
C PHE A 300 -1.03 21.01 2.62
N ALA A 301 -1.53 19.99 1.93
CA ALA A 301 -2.91 19.59 2.09
C ALA A 301 -2.86 18.20 2.68
N LEU A 302 -3.42 18.05 3.87
CA LEU A 302 -3.38 16.79 4.60
C LEU A 302 -4.60 15.93 4.31
N TYR A 303 -4.35 14.64 4.18
CA TYR A 303 -5.40 13.62 4.07
C TYR A 303 -5.95 13.23 5.47
N PRO A 304 -7.15 12.67 5.52
CA PRO A 304 -7.72 12.26 6.79
C PRO A 304 -6.81 11.40 7.64
N HIS A 305 -6.08 10.45 7.06
CA HIS A 305 -5.19 9.60 7.83
C HIS A 305 -4.03 10.36 8.49
N GLN A 306 -3.74 11.57 8.01
CA GLN A 306 -2.75 12.45 8.62
C GLN A 306 -3.34 13.38 9.69
N TYR A 307 -4.34 14.19 9.35
CA TYR A 307 -4.85 15.14 10.34
C TYR A 307 -5.61 14.50 11.47
N ARG A 308 -6.13 13.30 11.29
CA ARG A 308 -6.73 12.58 12.41
C ARG A 308 -5.69 12.17 13.45
N HIS A 309 -4.40 12.21 13.08
CA HIS A 309 -3.33 11.67 13.92
C HIS A 309 -2.18 12.68 14.08
N LEU A 310 -2.51 13.96 13.94
CA LEU A 310 -1.53 15.03 13.99
C LEU A 310 -0.96 15.16 15.40
N ALA A 311 0.35 15.34 15.51
CA ALA A 311 0.98 15.55 16.82
C ALA A 311 0.55 16.89 17.37
N SER A 312 0.43 16.98 18.71
CA SER A 312 0.07 18.24 19.41
C SER A 312 0.77 19.46 18.86
N SER A 313 2.08 19.37 18.74
CA SER A 313 2.89 20.47 18.25
C SER A 313 2.67 20.83 16.76
N SER A 314 1.93 20.01 16.03
CA SER A 314 1.59 20.33 14.63
C SER A 314 0.19 20.94 14.49
N GLU A 315 -0.64 20.85 15.52
CA GLU A 315 -2.03 21.33 15.43
C GLU A 315 -2.12 22.85 15.25
N ASN A 316 -1.14 23.58 15.76
CA ASN A 316 -1.12 25.05 15.64
C ASN A 316 -0.95 25.56 14.19
N GLN A 317 -0.40 24.74 13.30
CA GLN A 317 -0.20 25.15 11.91
C GLN A 317 -1.36 24.77 10.99
N LEU A 318 -2.34 24.07 11.51
CA LEU A 318 -3.48 23.58 10.74
C LEU A 318 -4.36 24.75 10.34
N LEU A 319 -4.83 24.75 9.10
CA LEU A 319 -5.72 25.79 8.59
C LEU A 319 -7.10 25.17 8.41
N GLN A 320 -7.90 25.22 9.47
CA GLN A 320 -9.12 24.40 9.55
C GLN A 320 -10.11 24.65 8.43
N ASN A 321 -10.20 25.89 7.97
CA ASN A 321 -11.14 26.28 6.92
C ASN A 321 -10.58 26.13 5.50
N TYR A 322 -9.30 25.77 5.37
CA TYR A 322 -8.73 25.53 4.05
C TYR A 322 -8.99 24.07 3.68
N GLN A 323 -10.18 23.80 3.15
CA GLN A 323 -10.58 22.43 2.84
C GLN A 323 -10.72 22.17 1.36
N TYR A 324 -10.40 20.95 0.95
CA TYR A 324 -10.60 20.50 -0.43
C TYR A 324 -11.34 19.17 -0.39
N GLU A 325 -12.41 19.03 -1.15
CA GLU A 325 -13.07 17.74 -1.26
C GLU A 325 -12.45 16.94 -2.38
N ILE A 326 -12.06 15.71 -2.10
CA ILE A 326 -11.45 14.80 -3.08
C ILE A 326 -12.06 13.41 -2.89
N ILE A 327 -11.62 12.45 -3.70
CA ILE A 327 -12.12 11.09 -3.56
C ILE A 327 -11.95 10.50 -2.14
N ARG A 328 -10.88 10.90 -1.45
CA ARG A 328 -10.62 10.42 -0.08
C ARG A 328 -11.23 11.28 1.04
N GLY A 329 -12.16 12.15 0.70
CA GLY A 329 -12.83 12.97 1.69
C GLY A 329 -12.29 14.37 1.71
N THR A 330 -12.24 14.96 2.89
CA THR A 330 -11.84 16.33 3.06
C THR A 330 -10.35 16.37 3.33
N MET A 331 -9.62 17.15 2.52
CA MET A 331 -8.24 17.54 2.86
C MET A 331 -8.29 18.83 3.65
N ILE A 332 -7.31 19.03 4.52
CA ILE A 332 -7.19 20.25 5.30
C ILE A 332 -5.77 20.78 5.15
N GLY A 333 -5.67 22.09 4.89
CA GLY A 333 -4.37 22.75 4.73
C GLY A 333 -3.61 22.90 6.03
N LEU A 334 -2.30 23.02 5.91
CA LEU A 334 -1.44 23.21 7.07
C LEU A 334 -0.21 23.94 6.55
N GLU A 335 0.21 25.00 7.22
CA GLU A 335 1.32 25.79 6.71
C GLU A 335 2.58 25.56 7.51
N GLY A 336 3.71 25.51 6.82
CA GLY A 336 5.00 25.42 7.49
C GLY A 336 5.99 24.56 6.72
N LYS A 337 7.15 24.32 7.34
CA LYS A 337 8.18 23.48 6.77
C LYS A 337 7.93 21.99 6.99
N ARG A 338 7.23 21.64 8.05
CA ARG A 338 7.05 20.24 8.44
C ARG A 338 5.81 20.04 9.27
N PHE A 339 5.32 18.82 9.29
CA PHE A 339 4.29 18.39 10.26
C PHE A 339 4.59 16.96 10.66
N THR A 340 4.01 16.55 11.78
CA THR A 340 4.27 15.24 12.38
C THR A 340 2.97 14.52 12.70
N THR A 341 2.92 13.22 12.37
CA THR A 341 1.84 12.32 12.78
C THR A 341 2.39 11.29 13.80
N GLU A 342 1.46 10.76 14.60
CA GLU A 342 1.80 9.82 15.66
C GLU A 342 0.78 8.73 15.61
N LEU A 343 1.23 7.50 15.47
CA LEU A 343 0.34 6.33 15.39
C LEU A 343 0.77 5.34 16.45
N THR A 344 -0.08 4.35 16.71
CA THR A 344 0.25 3.30 17.66
C THR A 344 0.35 1.94 16.99
N TYR A 345 1.54 1.40 16.96
CA TYR A 345 1.78 0.06 16.51
C TYR A 345 1.14 -0.86 17.52
N PRO A 346 0.32 -1.82 17.06
CA PRO A 346 -0.41 -2.62 18.04
C PRO A 346 0.22 -3.98 18.38
N GLY A 347 1.34 -4.30 17.80
CA GLY A 347 1.89 -5.65 17.94
C GLY A 347 1.39 -6.62 16.89
N VAL A 348 2.21 -7.64 16.65
CA VAL A 348 1.84 -8.77 15.82
C VAL A 348 2.26 -10.06 16.54
N LEU A 349 1.72 -11.18 16.07
CA LEU A 349 2.11 -12.48 16.55
C LEU A 349 2.51 -13.38 15.41
N PRO A 350 3.32 -14.41 15.68
CA PRO A 350 3.65 -15.37 14.64
C PRO A 350 2.51 -16.32 14.30
N SER A 351 1.54 -16.43 15.18
CA SER A 351 0.35 -17.22 14.99
C SER A 351 -0.45 -17.05 16.28
N LEU A 352 -1.67 -17.52 16.29
CA LEU A 352 -2.43 -17.55 17.54
C LEU A 352 -1.93 -18.71 18.39
N PRO A 353 -2.00 -18.57 19.72
CA PRO A 353 -1.54 -19.60 20.62
C PRO A 353 -2.59 -20.70 20.80
N ASP A 354 -2.29 -21.71 21.61
CA ASP A 354 -3.20 -22.79 21.87
C ASP A 354 -4.14 -22.41 23.02
N LEU A 355 -5.19 -21.63 22.76
CA LEU A 355 -6.09 -21.25 23.83
C LEU A 355 -7.58 -21.55 23.57
N GLY A 356 -7.93 -22.13 22.43
CA GLY A 356 -9.34 -22.37 22.11
C GLY A 356 -9.89 -23.65 22.75
N ASP A 357 -11.20 -23.76 22.80
CA ASP A 357 -11.84 -24.97 23.31
C ASP A 357 -12.28 -25.91 22.20
N TYR A 358 -11.36 -26.18 21.28
CA TYR A 358 -11.60 -27.09 20.18
C TYR A 358 -11.50 -28.53 20.66
N ASP A 359 -12.19 -29.39 19.94
CA ASP A 359 -11.96 -30.82 20.04
C ASP A 359 -10.59 -31.05 19.43
N ARG A 360 -9.64 -31.43 20.27
CA ARG A 360 -8.24 -31.50 19.85
C ARG A 360 -7.98 -32.60 18.85
N GLU A 361 -8.67 -33.72 18.98
CA GLU A 361 -8.48 -34.80 18.01
C GLU A 361 -9.07 -34.45 16.65
N ARG A 362 -10.14 -33.66 16.64
CA ARG A 362 -10.74 -33.15 15.40
C ARG A 362 -9.76 -32.21 14.69
N LEU A 363 -9.14 -31.31 15.45
CA LEU A 363 -8.16 -30.38 14.88
C LEU A 363 -6.94 -31.11 14.33
N ILE A 364 -6.47 -32.09 15.06
CA ILE A 364 -5.39 -32.95 14.60
C ILE A 364 -5.78 -33.61 13.28
N GLY A 365 -7.02 -34.08 13.18
CA GLY A 365 -7.51 -34.67 11.95
C GLY A 365 -7.43 -33.72 10.77
N TYR A 366 -7.85 -32.46 10.99
CA TYR A 366 -7.75 -31.41 9.97
C TYR A 366 -6.32 -31.11 9.57
N LEU A 367 -5.38 -31.20 10.49
CA LEU A 367 -3.98 -31.04 10.13
C LEU A 367 -3.52 -32.15 9.18
N HIS A 368 -3.95 -33.37 9.43
CA HIS A 368 -3.59 -34.48 8.53
C HIS A 368 -4.23 -34.33 7.17
N ASP A 369 -5.50 -33.95 7.16
CA ASP A 369 -6.21 -33.62 5.93
C ASP A 369 -5.42 -32.64 5.03
N ALA A 370 -4.76 -31.65 5.65
CA ALA A 370 -4.06 -30.61 4.90
C ALA A 370 -2.82 -31.09 4.14
N THR A 371 -2.29 -32.26 4.45
CA THR A 371 -1.19 -32.80 3.65
C THR A 371 -1.61 -33.02 2.20
N SER A 372 -2.91 -33.13 1.96
CA SER A 372 -3.45 -33.34 0.62
C SER A 372 -3.42 -32.11 -0.25
N ASP A 373 -3.24 -30.93 0.33
CA ASP A 373 -3.26 -29.71 -0.45
C ASP A 373 -2.01 -29.66 -1.35
N TYR A 374 -2.12 -28.93 -2.45
CA TYR A 374 -0.98 -28.70 -3.36
C TYR A 374 -1.24 -27.36 -4.05
N PRO A 375 -0.17 -26.74 -4.56
CA PRO A 375 -0.35 -25.42 -5.21
C PRO A 375 -1.22 -25.51 -6.47
N THR A 376 -2.08 -24.53 -6.70
CA THR A 376 -2.99 -24.60 -7.83
C THR A 376 -2.43 -23.86 -9.06
N GLY A 377 -1.12 -23.65 -9.09
CA GLY A 377 -0.47 -23.00 -10.21
C GLY A 377 1.02 -22.96 -9.95
N SER A 378 1.80 -22.66 -10.98
CA SER A 378 3.24 -22.70 -10.83
C SER A 378 3.83 -21.30 -10.54
N ASP A 379 3.00 -20.26 -10.62
CA ASP A 379 3.48 -18.87 -10.50
C ASP A 379 3.79 -18.48 -9.05
N THR A 380 4.48 -17.34 -8.88
CA THR A 380 4.86 -16.85 -7.56
C THR A 380 3.64 -16.66 -6.66
N TYR A 381 2.51 -16.23 -7.18
CA TYR A 381 1.32 -16.05 -6.33
C TYR A 381 0.68 -17.34 -5.83
N GLU A 382 0.36 -18.28 -6.72
CA GLU A 382 -0.31 -19.50 -6.28
C GLU A 382 0.63 -20.34 -5.40
N LEU A 383 1.93 -20.35 -5.72
CA LEU A 383 2.94 -21.01 -4.90
C LEU A 383 3.03 -20.30 -3.55
N GLY A 384 2.95 -18.97 -3.55
CA GLY A 384 2.89 -18.19 -2.32
C GLY A 384 1.72 -18.60 -1.44
N LYS A 385 0.53 -18.66 -2.03
CA LYS A 385 -0.65 -19.03 -1.24
C LYS A 385 -0.44 -20.40 -0.58
N TYR A 386 0.17 -21.32 -1.32
CA TYR A 386 0.41 -22.65 -0.82
C TYR A 386 1.37 -22.69 0.36
N ILE A 387 2.50 -22.03 0.20
CA ILE A 387 3.49 -22.02 1.27
C ILE A 387 2.99 -21.23 2.49
N GLY A 388 2.15 -20.21 2.28
CA GLY A 388 1.53 -19.50 3.41
C GLY A 388 0.68 -20.46 4.23
N LYS A 389 -0.04 -21.33 3.53
CA LYS A 389 -0.89 -22.32 4.14
C LYS A 389 -0.07 -23.30 4.99
N LEU A 390 1.03 -23.79 4.44
CA LEU A 390 1.92 -24.67 5.19
C LEU A 390 2.52 -23.96 6.41
N ALA A 391 2.98 -22.73 6.22
CA ALA A 391 3.59 -21.96 7.29
C ALA A 391 2.59 -21.71 8.42
N THR A 392 1.31 -21.59 8.07
CA THR A 392 0.25 -21.37 9.03
C THR A 392 -0.04 -22.63 9.84
N LEU A 393 0.04 -23.81 9.21
CA LEU A 393 -0.26 -25.07 9.87
C LEU A 393 0.83 -25.57 10.82
N ALA A 394 2.09 -25.28 10.49
CA ALA A 394 3.22 -25.80 11.28
C ALA A 394 3.12 -25.47 12.79
N PRO A 395 2.93 -24.18 13.16
CA PRO A 395 2.77 -23.85 14.58
C PRO A 395 1.53 -24.49 15.23
N ILE A 396 0.46 -24.67 14.47
CA ILE A 396 -0.71 -25.34 14.98
C ILE A 396 -0.39 -26.80 15.25
N ALA A 397 0.40 -27.42 14.37
CA ALA A 397 0.82 -28.80 14.57
C ALA A 397 1.69 -28.92 15.84
N ASP A 398 2.64 -28.00 16.03
CA ASP A 398 3.44 -27.94 17.25
C ASP A 398 2.56 -27.90 18.49
N GLN A 399 1.59 -26.99 18.49
CA GLN A 399 0.67 -26.78 19.62
C GLN A 399 -0.15 -28.01 19.95
N MET A 400 -0.48 -28.80 18.93
CA MET A 400 -1.21 -30.04 19.11
C MET A 400 -0.31 -31.25 19.42
N GLY A 401 0.99 -31.05 19.56
CA GLY A 401 1.89 -32.17 19.84
C GLY A 401 2.18 -33.07 18.66
N GLU A 402 1.78 -32.65 17.44
CA GLU A 402 2.05 -33.43 16.23
C GLU A 402 3.37 -32.95 15.68
N TYR A 403 4.46 -33.32 16.36
CA TYR A 403 5.80 -32.84 16.02
C TYR A 403 6.30 -33.44 14.72
N GLU A 404 5.92 -34.68 14.42
CA GLU A 404 6.28 -35.29 13.13
C GLU A 404 5.66 -34.46 12.02
N LEU A 405 4.37 -34.18 12.16
CA LEU A 405 3.66 -33.44 11.16
C LEU A 405 4.22 -32.00 10.98
N ALA A 406 4.47 -31.32 12.08
CA ALA A 406 5.05 -29.99 12.02
C ALA A 406 6.39 -29.98 11.26
N GLU A 407 7.22 -30.99 11.48
CA GLU A 407 8.51 -31.09 10.80
C GLU A 407 8.36 -31.40 9.31
N GLN A 408 7.32 -32.13 8.95
CA GLN A 408 7.00 -32.39 7.57
C GLN A 408 6.58 -31.09 6.85
N PHE A 409 5.72 -30.30 7.47
CA PHE A 409 5.35 -28.98 6.92
C PHE A 409 6.59 -28.07 6.76
N ARG A 410 7.42 -27.96 7.80
CA ARG A 410 8.60 -27.10 7.70
C ARG A 410 9.66 -27.65 6.75
N GLY A 411 9.78 -28.97 6.70
CA GLY A 411 10.61 -29.63 5.69
C GLY A 411 10.22 -29.23 4.27
N GLU A 412 8.93 -29.29 3.96
CA GLU A 412 8.48 -28.92 2.63
C GLU A 412 8.74 -27.43 2.30
N LEU A 413 8.56 -26.55 3.28
CA LEU A 413 8.88 -25.11 3.09
C LEU A 413 10.33 -24.92 2.69
N LYS A 414 11.23 -25.58 3.42
CA LYS A 414 12.66 -25.53 3.09
C LYS A 414 12.89 -25.97 1.67
N ASP A 415 12.31 -27.11 1.30
CA ASP A 415 12.53 -27.64 -0.02
C ASP A 415 12.05 -26.68 -1.09
N ILE A 416 10.89 -26.08 -0.89
CA ILE A 416 10.34 -25.17 -1.88
C ILE A 416 11.22 -23.94 -1.99
N LEU A 417 11.59 -23.38 -0.84
CA LEU A 417 12.44 -22.18 -0.86
C LEU A 417 13.85 -22.44 -1.38
N GLU A 418 14.44 -23.56 -1.02
CA GLU A 418 15.81 -23.85 -1.49
C GLU A 418 15.86 -24.01 -3.03
N ASP A 419 14.77 -24.46 -3.62
CA ASP A 419 14.61 -24.49 -5.06
C ASP A 419 14.48 -23.07 -5.63
N TRP A 420 13.46 -22.35 -5.19
CA TRP A 420 13.17 -21.01 -5.76
C TRP A 420 14.28 -19.97 -5.51
N LEU A 421 14.99 -20.10 -4.40
CA LEU A 421 16.08 -19.18 -4.09
C LEU A 421 17.42 -19.55 -4.77
N GLN A 422 17.39 -20.48 -5.72
CA GLN A 422 18.58 -20.92 -6.44
C GLN A 422 18.29 -20.76 -7.93
N ALA A 423 19.01 -19.87 -8.61
CA ALA A 423 18.73 -19.61 -10.00
C ALA A 423 19.30 -20.65 -10.97
N THR A 424 20.32 -21.38 -10.55
CA THR A 424 21.02 -22.28 -11.43
C THR A 424 20.75 -23.73 -11.11
N ASN A 425 20.92 -24.58 -12.11
CA ASN A 425 20.81 -26.02 -11.90
C ASN A 425 22.15 -26.59 -11.43
N ALA A 426 22.24 -27.92 -11.35
CA ALA A 426 23.41 -28.59 -10.79
C ALA A 426 24.69 -28.27 -11.53
N SER A 427 24.59 -28.01 -12.83
CA SER A 427 25.76 -27.77 -13.66
C SER A 427 26.00 -26.29 -13.91
N GLY A 428 25.29 -25.41 -13.19
CA GLY A 428 25.49 -23.99 -13.30
C GLY A 428 24.77 -23.26 -14.43
N GLN A 429 23.93 -23.94 -15.20
N GLN A 429 23.92 -23.96 -15.17
CA GLN A 429 23.12 -23.22 -16.19
CA GLN A 429 23.07 -23.32 -16.19
C GLN A 429 21.84 -22.73 -15.52
C GLN A 429 21.86 -22.70 -15.48
N LEU A 430 21.25 -21.68 -16.09
CA LEU A 430 20.04 -21.09 -15.53
C LEU A 430 18.86 -22.03 -15.71
N LYS A 431 18.05 -22.16 -14.66
CA LYS A 431 16.80 -22.93 -14.73
C LYS A 431 15.79 -22.18 -15.59
N GLY A 432 14.70 -22.81 -15.97
CA GLY A 432 13.68 -22.15 -16.79
C GLY A 432 12.41 -21.82 -16.04
N LYS A 433 12.35 -22.22 -14.76
CA LYS A 433 11.27 -21.82 -13.86
C LYS A 433 11.68 -22.02 -12.41
N ASN A 434 10.89 -21.45 -11.51
CA ASN A 434 11.16 -21.40 -10.08
C ASN A 434 12.49 -20.73 -9.78
N LEU A 435 12.61 -19.48 -10.19
CA LEU A 435 13.81 -18.69 -9.93
C LEU A 435 13.50 -17.20 -9.96
N PHE A 436 14.47 -16.44 -9.44
CA PHE A 436 14.43 -14.99 -9.42
C PHE A 436 15.51 -14.40 -10.32
N TYR A 437 15.17 -13.27 -10.93
CA TYR A 437 16.00 -12.62 -11.91
C TYR A 437 16.03 -11.15 -11.61
N TYR A 438 17.19 -10.53 -11.75
CA TYR A 438 17.33 -9.10 -11.54
C TYR A 438 17.23 -8.32 -12.85
N ASN A 439 16.12 -7.61 -13.03
CA ASN A 439 15.98 -6.70 -14.16
C ASN A 439 16.80 -5.45 -13.88
N GLU A 440 17.88 -5.28 -14.64
CA GLU A 440 18.79 -4.16 -14.40
C GLU A 440 18.20 -2.84 -14.89
N ASN A 441 17.46 -2.88 -15.99
CA ASN A 441 16.93 -1.66 -16.60
C ASN A 441 16.11 -0.79 -15.63
N TRP A 442 15.21 -1.42 -14.89
CA TRP A 442 14.42 -0.78 -13.85
C TRP A 442 15.06 -0.92 -12.49
N GLY A 443 15.63 -2.08 -12.20
CA GLY A 443 16.20 -2.36 -10.89
C GLY A 443 15.18 -3.05 -9.97
N THR A 444 14.86 -4.31 -10.29
CA THR A 444 13.85 -5.06 -9.59
C THR A 444 14.12 -6.56 -9.70
N ILE A 445 13.80 -7.30 -8.65
CA ILE A 445 13.83 -8.76 -8.68
C ILE A 445 12.49 -9.30 -9.18
N LEU A 446 12.53 -10.11 -10.22
CA LEU A 446 11.35 -10.67 -10.83
C LEU A 446 11.36 -12.17 -10.65
N GLY A 447 10.20 -12.73 -10.34
CA GLY A 447 10.09 -14.19 -10.20
C GLY A 447 9.35 -14.88 -11.32
N TYR A 448 9.85 -16.03 -11.75
CA TYR A 448 9.22 -16.83 -12.82
C TYR A 448 9.02 -18.27 -12.32
N HIS A 449 7.84 -18.87 -12.57
CA HIS A 449 6.76 -18.25 -13.32
C HIS A 449 6.12 -17.04 -12.60
N ALA A 450 5.73 -16.05 -13.40
CA ALA A 450 5.06 -14.80 -12.96
C ALA A 450 3.56 -14.82 -13.25
N ALA A 451 2.82 -14.01 -12.52
CA ALA A 451 1.39 -13.86 -12.77
C ALA A 451 0.96 -12.49 -12.30
N HIS A 452 -0.25 -12.10 -12.68
CA HIS A 452 -0.84 -10.81 -12.30
C HIS A 452 0.06 -9.64 -12.70
N SER A 453 0.81 -9.83 -13.78
CA SER A 453 1.74 -8.85 -14.29
C SER A 453 2.83 -8.45 -13.31
N SER A 454 3.23 -9.39 -12.45
CA SER A 454 4.32 -9.17 -11.50
C SER A 454 5.66 -8.89 -12.21
N ALA A 455 5.91 -9.57 -13.32
CA ALA A 455 7.13 -9.31 -14.08
C ALA A 455 6.91 -8.22 -15.13
N THR A 456 5.85 -8.31 -15.89
CA THR A 456 5.66 -7.39 -17.02
C THR A 456 5.27 -5.97 -16.63
N ARG A 457 4.61 -5.78 -15.48
CA ARG A 457 4.30 -4.43 -15.00
C ARG A 457 4.90 -4.12 -13.62
N ILE A 458 5.71 -5.04 -13.08
CA ILE A 458 6.29 -4.92 -11.77
C ILE A 458 5.19 -4.72 -10.70
N ASN A 459 4.14 -5.54 -10.81
CA ASN A 459 3.00 -5.49 -9.94
C ASN A 459 3.19 -6.40 -8.72
N ASP A 460 2.57 -6.00 -7.62
CA ASP A 460 2.23 -6.88 -6.50
C ASP A 460 3.39 -7.58 -5.82
N HIS A 461 4.57 -6.98 -5.79
CA HIS A 461 5.72 -7.69 -5.25
C HIS A 461 5.59 -7.98 -3.74
N HIS A 462 5.06 -7.02 -3.00
CA HIS A 462 4.74 -7.27 -1.60
C HIS A 462 3.71 -8.38 -1.45
N PHE A 463 2.68 -8.42 -2.29
CA PHE A 463 1.65 -9.46 -2.18
C PHE A 463 2.27 -10.82 -2.39
N HIS A 464 3.10 -10.96 -3.42
CA HIS A 464 3.66 -12.27 -3.74
C HIS A 464 4.78 -12.63 -2.77
N TYR A 465 5.79 -11.77 -2.70
CA TYR A 465 6.98 -12.08 -1.93
C TYR A 465 6.70 -12.11 -0.44
N GLY A 466 5.63 -11.46 0.01
CA GLY A 466 5.17 -11.60 1.38
C GLY A 466 4.94 -13.04 1.85
N TYR A 467 4.51 -13.92 0.93
CA TYR A 467 4.24 -15.32 1.31
C TYR A 467 5.56 -16.07 1.42
N PHE A 468 6.54 -15.71 0.59
CA PHE A 468 7.88 -16.33 0.67
C PHE A 468 8.51 -15.97 1.98
N VAL A 469 8.30 -14.73 2.41
CA VAL A 469 8.85 -14.24 3.70
C VAL A 469 8.14 -14.91 4.86
N LYS A 470 6.83 -15.07 4.78
CA LYS A 470 6.06 -15.86 5.75
C LYS A 470 6.71 -17.24 5.96
N ALA A 471 6.94 -17.94 4.87
CA ALA A 471 7.58 -19.27 4.93
C ALA A 471 8.96 -19.21 5.60
N ALA A 472 9.77 -18.24 5.19
CA ALA A 472 11.11 -18.11 5.74
C ALA A 472 11.08 -17.73 7.23
N ALA A 473 10.13 -16.91 7.63
CA ALA A 473 10.02 -16.51 9.05
C ALA A 473 9.64 -17.68 9.93
N GLU A 474 8.77 -18.57 9.44
CA GLU A 474 8.41 -19.77 10.20
C GLU A 474 9.60 -20.75 10.30
N ILE A 475 10.33 -20.92 9.20
CA ILE A 475 11.56 -21.71 9.26
C ILE A 475 12.56 -21.12 10.27
N ALA A 476 12.76 -19.82 10.19
CA ALA A 476 13.72 -19.11 11.03
C ALA A 476 13.34 -19.22 12.50
N ARG A 477 12.05 -19.28 12.78
CA ARG A 477 11.60 -19.36 14.16
C ARG A 477 12.11 -20.65 14.79
N ALA A 478 12.18 -21.73 14.00
CA ALA A 478 12.59 -23.05 14.45
C ALA A 478 14.05 -23.42 14.12
N ASP A 479 14.63 -22.80 13.10
CA ASP A 479 15.96 -23.18 12.59
C ASP A 479 16.75 -21.93 12.18
N GLN A 480 17.50 -21.36 13.14
CA GLN A 480 18.28 -20.16 12.89
C GLN A 480 19.40 -20.43 11.92
N GLU A 481 19.92 -21.65 11.90
CA GLU A 481 21.03 -21.98 11.02
C GLU A 481 20.63 -21.72 9.56
N TRP A 482 19.48 -22.27 9.15
CA TRP A 482 18.95 -22.14 7.81
C TRP A 482 18.84 -20.67 7.37
N ALA A 483 18.47 -19.81 8.31
CA ALA A 483 18.16 -18.42 8.03
C ALA A 483 19.36 -17.48 8.03
N LYS A 484 20.56 -17.99 8.33
CA LYS A 484 21.75 -17.16 8.30
C LYS A 484 22.00 -16.59 6.90
N SER A 485 22.63 -15.43 6.86
CA SER A 485 23.05 -14.78 5.62
C SER A 485 23.74 -15.68 4.64
N GLU A 486 24.78 -16.37 5.12
CA GLU A 486 25.57 -17.24 4.27
C GLU A 486 24.79 -18.49 3.85
N ASN A 487 23.67 -18.77 4.53
CA ASN A 487 22.83 -19.87 4.08
C ASN A 487 21.70 -19.38 3.16
N TRP A 488 20.46 -19.39 3.61
CA TRP A 488 19.32 -19.01 2.76
C TRP A 488 18.77 -17.60 3.07
N GLY A 489 19.27 -16.99 4.15
CA GLY A 489 18.81 -15.66 4.57
C GLY A 489 19.16 -14.53 3.63
N GLY A 490 20.30 -14.64 2.96
CA GLY A 490 20.74 -13.62 2.06
C GLY A 490 19.73 -13.43 0.95
N MET A 491 19.23 -14.52 0.38
CA MET A 491 18.27 -14.42 -0.71
C MET A 491 16.93 -13.88 -0.22
N ILE A 492 16.55 -14.28 0.99
CA ILE A 492 15.33 -13.77 1.57
C ILE A 492 15.49 -12.28 1.77
N ASP A 493 16.63 -11.84 2.30
CA ASP A 493 16.83 -10.42 2.54
C ASP A 493 16.79 -9.62 1.22
N LEU A 494 17.21 -10.26 0.12
CA LEU A 494 17.14 -9.64 -1.21
C LEU A 494 15.70 -9.42 -1.72
N LEU A 495 14.84 -10.42 -1.55
CA LEU A 495 13.44 -10.24 -1.94
C LEU A 495 12.81 -9.11 -1.14
N ILE A 496 13.17 -9.01 0.14
CA ILE A 496 12.63 -7.99 1.02
C ILE A 496 13.10 -6.63 0.56
N ARG A 497 14.37 -6.51 0.24
CA ARG A 497 14.89 -5.27 -0.29
C ARG A 497 14.21 -4.88 -1.58
N ASP A 498 13.80 -5.83 -2.41
CA ASP A 498 13.11 -5.46 -3.62
C ASP A 498 11.84 -4.65 -3.35
N PHE A 499 11.04 -5.06 -2.36
CA PHE A 499 9.78 -4.39 -2.15
C PHE A 499 9.74 -3.35 -1.04
N MET A 500 10.77 -3.27 -0.20
CA MET A 500 10.78 -2.28 0.88
C MET A 500 12.19 -1.89 1.28
N ALA A 501 13.02 -1.54 0.30
CA ALA A 501 14.42 -1.19 0.59
C ALA A 501 14.55 0.10 1.39
N ASP A 502 15.68 0.21 2.09
CA ASP A 502 16.04 1.45 2.74
C ASP A 502 16.65 2.41 1.71
N ARG A 503 17.02 3.62 2.17
CA ARG A 503 17.61 4.65 1.31
C ARG A 503 18.98 4.22 0.76
N ASP A 504 19.29 4.69 -0.44
CA ASP A 504 20.59 4.45 -1.08
C ASP A 504 20.90 2.98 -1.19
N ASP A 505 19.90 2.18 -1.54
CA ASP A 505 20.14 0.79 -1.86
C ASP A 505 20.69 0.73 -3.30
N ASP A 506 21.83 0.09 -3.50
CA ASP A 506 22.45 0.02 -4.84
C ASP A 506 21.58 -0.67 -5.90
N LEU A 507 20.74 -1.62 -5.50
CA LEU A 507 19.97 -2.40 -6.47
C LEU A 507 18.52 -1.97 -6.65
N PHE A 508 17.94 -1.32 -5.66
CA PHE A 508 16.49 -1.07 -5.64
C PHE A 508 16.12 0.35 -5.20
N PRO A 509 14.94 0.83 -5.61
CA PRO A 509 14.46 2.12 -5.15
C PRO A 509 13.96 2.06 -3.69
N TYR A 510 13.91 3.21 -3.03
CA TYR A 510 13.46 3.29 -1.65
C TYR A 510 12.00 2.89 -1.49
N LEU A 511 11.72 1.99 -0.56
CA LEU A 511 10.37 1.59 -0.20
C LEU A 511 9.44 1.46 -1.42
N ARG A 512 9.85 0.62 -2.37
CA ARG A 512 9.16 0.49 -3.63
C ARG A 512 7.65 0.57 -3.52
N MET A 513 7.05 -0.27 -2.68
CA MET A 513 5.60 -0.44 -2.71
C MET A 513 4.87 0.76 -2.11
N PHE A 514 5.53 1.48 -1.20
CA PHE A 514 4.84 2.36 -0.30
C PHE A 514 4.87 3.82 -0.73
N ASP A 515 3.76 4.50 -0.50
CA ASP A 515 3.66 5.93 -0.72
C ASP A 515 3.51 6.54 0.66
N PRO A 516 4.58 7.16 1.17
CA PRO A 516 4.59 7.62 2.56
C PRO A 516 3.57 8.72 2.88
N TYR A 517 3.19 9.52 1.89
CA TYR A 517 2.24 10.61 2.08
C TYR A 517 0.79 10.14 1.90
N SER A 518 0.49 9.37 0.84
CA SER A 518 -0.85 8.81 0.68
C SER A 518 -1.13 7.81 1.80
N GLY A 519 -0.06 7.22 2.34
CA GLY A 519 -0.16 6.34 3.51
C GLY A 519 -0.41 4.88 3.20
N ASN A 520 -0.45 4.53 1.91
CA ASN A 520 -0.75 3.17 1.47
C ASN A 520 0.22 2.68 0.39
N SER A 521 0.12 1.39 0.12
CA SER A 521 0.87 0.75 -0.96
C SER A 521 0.10 0.87 -2.23
N TRP A 522 0.85 1.01 -3.32
CA TRP A 522 0.29 0.99 -4.63
C TRP A 522 0.81 -0.29 -5.30
N ALA A 523 -0.12 -1.06 -5.84
CA ALA A 523 0.15 -2.36 -6.39
C ALA A 523 0.66 -2.36 -7.83
N ASP A 524 0.27 -1.39 -8.65
CA ASP A 524 0.71 -1.39 -10.06
C ASP A 524 2.08 -0.71 -10.23
N GLY A 525 3.03 -1.39 -10.87
CA GLY A 525 4.38 -0.83 -11.01
C GLY A 525 4.43 0.36 -11.96
N LEU A 526 3.56 0.36 -12.95
CA LEU A 526 3.60 1.34 -14.04
C LEU A 526 2.64 2.52 -13.87
N ALA A 527 1.49 2.28 -13.22
CA ALA A 527 0.48 3.31 -12.95
C ALA A 527 -0.18 3.89 -14.21
N THR A 528 -0.19 3.08 -15.28
CA THR A 528 -0.70 3.54 -16.57
C THR A 528 -2.22 3.32 -16.69
N PHE A 529 -2.94 4.08 -15.88
CA PHE A 529 -4.39 4.14 -15.88
C PHE A 529 -4.76 5.62 -15.73
N ASP A 530 -5.95 5.97 -16.19
CA ASP A 530 -6.46 7.31 -15.97
C ASP A 530 -7.08 7.52 -14.60
N ALA A 531 -7.21 6.47 -13.79
CA ALA A 531 -7.54 6.68 -12.38
C ALA A 531 -6.30 6.76 -11.50
N GLY A 532 -5.11 6.80 -12.10
CA GLY A 532 -3.85 6.79 -11.34
C GLY A 532 -3.50 5.36 -10.95
N ASN A 533 -2.78 5.17 -9.85
CA ASN A 533 -2.40 3.85 -9.43
C ASN A 533 -3.54 3.28 -8.59
N ASN A 534 -3.45 2.00 -8.24
CA ASN A 534 -4.49 1.32 -7.47
C ASN A 534 -3.93 0.34 -6.45
N GLN A 535 -4.73 0.03 -5.44
CA GLN A 535 -4.48 -1.12 -4.58
C GLN A 535 -5.76 -1.85 -4.23
N GLU A 536 -5.77 -3.17 -4.46
CA GLU A 536 -6.91 -4.02 -4.15
C GLU A 536 -6.76 -4.67 -2.77
N SER A 537 -5.87 -5.63 -2.59
CA SER A 537 -5.82 -6.36 -1.30
C SER A 537 -4.91 -5.69 -0.26
N SER A 538 -5.51 -4.79 0.51
CA SER A 538 -4.76 -4.12 1.56
C SER A 538 -4.33 -5.12 2.65
N SER A 539 -5.11 -6.18 2.82
CA SER A 539 -4.74 -7.24 3.74
C SER A 539 -3.49 -8.02 3.31
N GLU A 540 -3.27 -8.22 2.01
CA GLU A 540 -2.01 -8.83 1.54
C GLU A 540 -0.79 -7.92 1.71
N ALA A 541 -0.98 -6.61 1.64
CA ALA A 541 0.09 -5.66 2.01
C ALA A 541 0.42 -5.81 3.49
N MET A 542 -0.60 -5.76 4.34
CA MET A 542 -0.37 -5.89 5.79
C MET A 542 0.29 -7.22 6.17
N HIS A 543 -0.04 -8.26 5.42
CA HIS A 543 0.57 -9.59 5.55
C HIS A 543 2.08 -9.52 5.25
N ALA A 544 2.47 -8.82 4.18
CA ALA A 544 3.87 -8.66 3.86
C ALA A 544 4.58 -7.93 4.97
N TRP A 545 4.00 -6.83 5.46
CA TRP A 545 4.69 -6.07 6.49
C TRP A 545 4.79 -6.91 7.75
N THR A 546 3.74 -7.66 8.09
CA THR A 546 3.76 -8.50 9.28
C THR A 546 4.90 -9.49 9.22
N ASN A 547 5.02 -10.17 8.09
CA ASN A 547 6.02 -11.22 7.93
C ASN A 547 7.44 -10.72 7.95
N VAL A 548 7.67 -9.52 7.43
CA VAL A 548 8.98 -8.90 7.58
C VAL A 548 9.27 -8.60 9.05
N ILE A 549 8.28 -8.16 9.83
CA ILE A 549 8.51 -7.96 11.27
C ILE A 549 8.97 -9.26 11.91
N LEU A 550 8.28 -10.35 11.60
CA LEU A 550 8.56 -11.65 12.20
C LEU A 550 9.94 -12.15 11.77
N TRP A 551 10.23 -12.06 10.48
CA TRP A 551 11.52 -12.42 9.97
C TRP A 551 12.64 -11.59 10.59
N ALA A 552 12.47 -10.26 10.66
CA ALA A 552 13.52 -9.42 11.21
C ALA A 552 13.82 -9.77 12.68
N GLU A 553 12.75 -10.04 13.42
CA GLU A 553 12.84 -10.42 14.82
C GLU A 553 13.53 -11.80 14.97
N ALA A 554 13.20 -12.76 14.11
CA ALA A 554 13.80 -14.07 14.17
C ALA A 554 15.26 -14.09 13.77
N THR A 555 15.70 -13.12 12.96
CA THR A 555 17.07 -13.07 12.44
C THR A 555 17.90 -11.94 13.01
N GLY A 556 17.35 -11.22 13.99
CA GLY A 556 18.08 -10.18 14.70
C GLY A 556 18.46 -8.99 13.83
N ASN A 557 17.46 -8.28 13.31
CA ASN A 557 17.70 -7.17 12.41
C ASN A 557 16.74 -6.03 12.78
N LYS A 558 17.18 -5.17 13.70
CA LYS A 558 16.28 -4.23 14.33
C LYS A 558 15.86 -3.16 13.33
N ALA A 559 16.80 -2.69 12.52
CA ALA A 559 16.47 -1.67 11.52
C ALA A 559 15.39 -2.14 10.53
N LEU A 560 15.49 -3.39 10.08
CA LEU A 560 14.52 -3.94 9.15
C LEU A 560 13.19 -4.08 9.85
N ARG A 561 13.23 -4.56 11.08
CA ARG A 561 12.02 -4.73 11.87
C ARG A 561 11.27 -3.42 12.04
N ASP A 562 12.00 -2.36 12.40
CA ASP A 562 11.39 -1.07 12.68
C ASP A 562 10.81 -0.43 11.42
N ARG A 563 11.47 -0.65 10.29
CA ARG A 563 10.90 -0.20 9.02
C ARG A 563 9.59 -0.91 8.68
N ALA A 564 9.51 -2.21 8.92
CA ALA A 564 8.28 -2.93 8.70
C ALA A 564 7.17 -2.50 9.68
N ILE A 565 7.55 -2.14 10.90
CA ILE A 565 6.59 -1.66 11.89
C ILE A 565 6.01 -0.30 11.43
N TYR A 566 6.87 0.58 10.94
CA TYR A 566 6.43 1.84 10.37
C TYR A 566 5.45 1.59 9.20
N LEU A 567 5.79 0.65 8.32
CA LEU A 567 4.90 0.36 7.19
C LEU A 567 3.59 -0.21 7.65
N TYR A 568 3.64 -1.21 8.53
CA TYR A 568 2.43 -1.84 9.08
C TYR A 568 1.45 -0.82 9.66
N THR A 569 2.00 0.08 10.46
CA THR A 569 1.22 0.99 11.29
C THR A 569 0.63 2.10 10.42
N THR A 570 1.42 2.60 9.48
CA THR A 570 0.93 3.66 8.58
C THR A 570 -0.13 3.09 7.64
N GLU A 571 0.15 1.92 7.08
CA GLU A 571 -0.80 1.28 6.19
C GLU A 571 -2.14 1.05 6.93
N MET A 572 -2.07 0.56 8.16
CA MET A 572 -3.23 0.38 9.01
C MET A 572 -4.07 1.66 9.03
N SER A 573 -3.41 2.79 9.30
CA SER A 573 -4.11 4.03 9.49
C SER A 573 -4.84 4.45 8.19
N ALA A 574 -4.26 4.14 7.05
CA ALA A 574 -4.90 4.42 5.77
C ALA A 574 -6.01 3.43 5.44
N ILE A 575 -5.86 2.15 5.78
CA ILE A 575 -6.92 1.16 5.56
C ILE A 575 -8.18 1.55 6.34
N ASN A 576 -7.98 2.09 7.53
CA ASN A 576 -9.12 2.45 8.35
C ASN A 576 -9.92 3.63 7.78
N GLU A 577 -9.26 4.50 7.00
CA GLU A 577 -9.98 5.59 6.38
C GLU A 577 -10.54 5.20 5.04
N TYR A 578 -9.69 4.70 4.15
CA TYR A 578 -10.04 4.67 2.73
C TYR A 578 -10.60 3.34 2.22
N PHE A 579 -10.39 2.25 2.95
CA PHE A 579 -10.96 0.96 2.61
C PHE A 579 -12.22 0.70 3.47
N PHE A 580 -12.14 1.03 4.76
CA PHE A 580 -13.20 0.73 5.69
C PHE A 580 -14.07 1.94 6.04
N ASP A 581 -13.49 3.14 5.95
CA ASP A 581 -14.13 4.38 6.42
C ASP A 581 -14.81 4.19 7.79
N VAL A 582 -14.03 3.72 8.76
CA VAL A 582 -14.56 3.43 10.11
C VAL A 582 -15.22 4.65 10.77
N HIS A 583 -14.76 5.86 10.49
CA HIS A 583 -15.39 7.04 11.08
C HIS A 583 -16.59 7.55 10.31
N GLN A 584 -16.91 6.91 9.20
CA GLN A 584 -18.03 7.32 8.36
C GLN A 584 -17.98 8.80 7.93
N GLU A 585 -16.81 9.21 7.42
CA GLU A 585 -16.63 10.57 6.90
C GLU A 585 -16.17 10.67 5.43
N ILE A 586 -15.92 9.53 4.78
CA ILE A 586 -15.24 9.54 3.47
C ILE A 586 -16.20 9.14 2.35
N PHE A 587 -16.84 7.98 2.47
CA PHE A 587 -17.70 7.48 1.39
C PHE A 587 -18.96 8.34 1.34
N PRO A 588 -19.46 8.65 0.14
CA PRO A 588 -20.71 9.39 0.04
C PRO A 588 -21.90 8.57 0.53
N GLU A 589 -22.92 9.26 1.03
CA GLU A 589 -24.11 8.63 1.59
C GLU A 589 -24.75 7.61 0.65
N GLU A 590 -24.75 7.89 -0.64
CA GLU A 590 -25.46 7.03 -1.59
C GLU A 590 -24.66 5.79 -2.04
N TYR A 591 -23.42 5.65 -1.56
CA TYR A 591 -22.65 4.43 -1.83
C TYR A 591 -23.12 3.33 -0.89
N GLY A 592 -23.70 2.27 -1.43
CA GLY A 592 -24.28 1.23 -0.62
C GLY A 592 -23.35 0.35 0.19
N PRO A 593 -22.26 -0.14 -0.40
CA PRO A 593 -21.42 -1.06 0.36
C PRO A 593 -20.74 -0.46 1.57
N GLU A 594 -20.28 -1.31 2.48
CA GLU A 594 -19.60 -0.87 3.69
C GLU A 594 -18.08 -1.04 3.58
N ILE A 595 -17.61 -1.13 2.35
CA ILE A 595 -16.19 -1.28 2.10
C ILE A 595 -15.87 -0.82 0.69
N VAL A 596 -14.67 -0.29 0.54
CA VAL A 596 -14.13 -0.08 -0.80
C VAL A 596 -13.12 -1.18 -1.05
N THR A 597 -13.28 -1.85 -2.19
CA THR A 597 -12.44 -2.99 -2.55
C THR A 597 -11.12 -2.57 -3.19
N ILE A 598 -11.18 -1.59 -4.09
CA ILE A 598 -10.00 -1.10 -4.79
C ILE A 598 -9.96 0.40 -4.66
N ASN A 599 -8.86 0.88 -4.08
CA ASN A 599 -8.57 2.29 -4.03
C ASN A 599 -7.65 2.70 -5.15
N TRP A 600 -8.04 3.75 -5.88
CA TRP A 600 -7.24 4.36 -6.91
C TRP A 600 -6.90 5.80 -6.49
N GLY A 601 -5.96 6.44 -7.18
CA GLY A 601 -5.70 7.86 -6.93
C GLY A 601 -6.95 8.70 -7.13
N GLY A 602 -7.74 8.41 -8.15
CA GLY A 602 -8.86 9.28 -8.50
C GLY A 602 -10.24 8.70 -8.39
N LYS A 603 -10.35 7.52 -7.76
CA LYS A 603 -11.61 6.81 -7.69
C LYS A 603 -11.59 5.64 -6.72
N MET A 604 -12.77 5.10 -6.45
CA MET A 604 -12.92 3.98 -5.52
C MET A 604 -13.93 3.00 -6.10
N ASP A 605 -13.59 1.70 -6.11
CA ASP A 605 -14.49 0.64 -6.63
C ASP A 605 -14.89 -0.38 -5.57
N HIS A 606 -16.16 -0.80 -5.64
CA HIS A 606 -16.60 -2.06 -5.05
C HIS A 606 -16.67 -3.04 -6.21
N ALA A 607 -15.53 -3.67 -6.46
CA ALA A 607 -15.31 -4.56 -7.61
C ALA A 607 -13.95 -5.23 -7.43
N THR A 608 -13.74 -6.33 -8.16
CA THR A 608 -12.50 -7.06 -8.10
C THR A 608 -11.88 -7.12 -9.48
N TRP A 609 -10.59 -7.40 -9.53
CA TRP A 609 -9.90 -7.56 -10.81
C TRP A 609 -10.30 -8.80 -11.60
N TRP A 610 -10.93 -9.78 -10.95
CA TRP A 610 -11.39 -11.00 -11.63
C TRP A 610 -12.91 -11.04 -11.43
N ASN A 611 -13.58 -11.93 -12.14
CA ASN A 611 -15.04 -12.04 -12.01
C ASN A 611 -15.39 -12.72 -10.69
N SER A 612 -16.04 -11.98 -9.79
CA SER A 612 -16.29 -12.49 -8.46
C SER A 612 -17.74 -12.28 -8.07
N GLY A 613 -18.14 -12.91 -6.97
CA GLY A 613 -19.45 -12.72 -6.35
C GLY A 613 -19.38 -11.72 -5.21
N LYS A 614 -20.34 -11.80 -4.31
CA LYS A 614 -20.54 -10.81 -3.28
C LYS A 614 -19.50 -10.82 -2.16
N VAL A 615 -19.18 -12.00 -1.65
CA VAL A 615 -18.31 -12.13 -0.50
C VAL A 615 -16.91 -11.60 -0.82
N GLU A 616 -16.43 -11.89 -2.03
CA GLU A 616 -15.07 -11.61 -2.41
C GLU A 616 -14.76 -10.10 -2.44
N LYS A 617 -15.78 -9.31 -2.77
CA LYS A 617 -15.61 -7.88 -2.84
C LYS A 617 -15.44 -7.24 -1.46
N TYR A 618 -15.77 -7.99 -0.40
CA TYR A 618 -15.37 -7.66 0.97
C TYR A 618 -14.06 -8.37 1.39
N ALA A 619 -14.04 -9.68 1.23
CA ALA A 619 -13.03 -10.51 1.87
C ALA A 619 -11.63 -10.43 1.27
N ILE A 620 -11.50 -9.92 0.06
CA ILE A 620 -10.21 -9.71 -0.53
C ILE A 620 -9.38 -8.71 0.28
N ASN A 621 -10.06 -7.89 1.09
CA ASN A 621 -9.40 -7.00 2.05
C ASN A 621 -9.37 -7.52 3.52
N TRP A 622 -9.63 -8.80 3.71
CA TRP A 622 -9.43 -9.50 4.98
C TRP A 622 -8.36 -10.57 4.87
N LEU A 623 -8.31 -11.32 3.76
CA LEU A 623 -7.40 -12.47 3.61
C LEU A 623 -5.95 -12.04 3.33
N PRO A 624 -4.98 -12.89 3.66
CA PRO A 624 -5.16 -14.12 4.43
C PRO A 624 -5.24 -13.84 5.92
N PHE A 625 -5.81 -14.77 6.69
CA PHE A 625 -5.83 -14.62 8.15
C PHE A 625 -4.53 -15.16 8.69
N HIS A 626 -3.93 -14.45 9.63
CA HIS A 626 -2.65 -14.84 10.19
C HIS A 626 -2.44 -14.03 11.47
N GLY A 627 -1.26 -14.18 12.08
CA GLY A 627 -0.98 -13.55 13.36
C GLY A 627 -0.82 -12.03 13.38
N GLY A 628 -0.79 -11.42 12.20
CA GLY A 628 -0.90 -9.95 12.07
C GLY A 628 -2.29 -9.41 11.67
N SER A 629 -3.30 -10.27 11.59
CA SER A 629 -4.65 -9.87 11.17
C SER A 629 -5.50 -9.12 12.18
N LEU A 630 -5.01 -9.00 13.41
CA LEU A 630 -5.86 -8.49 14.49
C LEU A 630 -6.20 -7.02 14.33
N TYR A 631 -5.45 -6.29 13.51
CA TYR A 631 -5.83 -4.91 13.16
C TYR A 631 -7.25 -4.85 12.60
N LEU A 632 -7.71 -5.93 11.98
CA LEU A 632 -9.07 -5.98 11.42
C LEU A 632 -10.16 -5.86 12.47
N GLY A 633 -9.86 -6.16 13.73
CA GLY A 633 -10.85 -6.10 14.79
C GLY A 633 -10.75 -4.89 15.71
N HIS A 634 -10.00 -3.85 15.34
CA HIS A 634 -9.87 -2.69 16.23
C HIS A 634 -11.13 -1.88 16.36
N HIS A 635 -12.01 -1.92 15.36
CA HIS A 635 -13.25 -1.12 15.36
C HIS A 635 -14.47 -2.02 15.29
N PRO A 636 -14.89 -2.58 16.44
CA PRO A 636 -16.00 -3.56 16.44
C PRO A 636 -17.32 -3.07 15.83
N ASP A 637 -17.63 -1.79 15.99
CA ASP A 637 -18.80 -1.20 15.32
C ASP A 637 -18.69 -1.32 13.80
N TYR A 638 -17.49 -1.12 13.26
CA TYR A 638 -17.32 -1.27 11.81
C TYR A 638 -17.47 -2.73 11.43
N VAL A 639 -16.81 -3.62 12.16
CA VAL A 639 -16.86 -5.05 11.84
C VAL A 639 -18.31 -5.57 11.82
N ASP A 640 -19.11 -5.11 12.78
CA ASP A 640 -20.54 -5.48 12.81
C ASP A 640 -21.28 -4.87 11.61
N ARG A 641 -21.03 -3.59 11.34
CA ARG A 641 -21.67 -2.90 10.22
C ARG A 641 -21.33 -3.57 8.89
N ALA A 642 -20.08 -3.94 8.67
CA ALA A 642 -19.68 -4.53 7.39
C ALA A 642 -20.28 -5.92 7.19
N TYR A 643 -20.17 -6.77 8.22
CA TYR A 643 -20.76 -8.12 8.21
C TYR A 643 -22.25 -8.05 7.92
N GLU A 644 -22.94 -7.20 8.66
CA GLU A 644 -24.40 -7.05 8.52
C GLU A 644 -24.82 -6.64 7.11
N GLU A 645 -24.07 -5.74 6.49
CA GLU A 645 -24.39 -5.29 5.14
C GLU A 645 -24.13 -6.41 4.14
N LEU A 646 -23.02 -7.15 4.30
CA LEU A 646 -22.76 -8.31 3.45
C LEU A 646 -23.87 -9.37 3.62
N ARG A 647 -24.27 -9.61 4.87
N ARG A 647 -24.29 -9.62 4.87
CA ARG A 647 -25.29 -10.61 5.18
CA ARG A 647 -25.30 -10.62 5.16
C ARG A 647 -26.64 -10.26 4.56
C ARG A 647 -26.64 -10.25 4.54
N ARG A 648 -27.01 -8.98 4.67
CA ARG A 648 -28.26 -8.44 4.12
C ARG A 648 -28.26 -8.61 2.62
N ASP A 649 -27.16 -8.26 1.98
CA ASP A 649 -27.04 -8.39 0.52
C ASP A 649 -27.04 -9.84 0.06
N ILE A 650 -26.47 -10.73 0.85
CA ILE A 650 -26.51 -12.16 0.54
C ILE A 650 -27.93 -12.68 0.76
N GLY A 651 -28.59 -12.19 1.80
CA GLY A 651 -29.97 -12.55 2.13
C GLY A 651 -30.04 -13.68 3.12
N SER A 652 -28.88 -14.16 3.55
CA SER A 652 -28.75 -15.27 4.49
C SER A 652 -27.28 -15.39 4.88
N THR A 653 -26.93 -16.43 5.64
CA THR A 653 -25.53 -16.77 5.90
C THR A 653 -25.08 -17.94 5.01
N ASP A 654 -25.77 -18.09 3.88
CA ASP A 654 -25.31 -18.97 2.83
C ASP A 654 -24.35 -18.23 1.89
N TRP A 655 -23.07 -18.14 2.28
CA TRP A 655 -22.10 -17.32 1.59
C TRP A 655 -21.79 -17.88 0.21
N ASN A 656 -21.74 -17.04 -0.82
CA ASN A 656 -21.55 -17.51 -2.20
C ASN A 656 -20.20 -18.18 -2.40
N LEU A 657 -19.20 -17.75 -1.62
CA LEU A 657 -17.87 -18.29 -1.71
C LEU A 657 -17.08 -17.90 -0.45
N TRP A 658 -16.01 -18.61 -0.18
CA TRP A 658 -15.09 -18.31 0.90
C TRP A 658 -15.79 -18.25 2.27
N SER A 659 -16.72 -19.17 2.52
CA SER A 659 -17.47 -19.14 3.76
C SER A 659 -16.57 -18.99 4.97
N ASN A 660 -15.46 -19.72 4.96
CA ASN A 660 -14.60 -19.77 6.13
C ASN A 660 -14.03 -18.38 6.48
N LEU A 661 -13.69 -17.58 5.48
CA LEU A 661 -13.21 -16.22 5.72
C LEU A 661 -14.25 -15.35 6.38
N VAL A 662 -15.52 -15.52 5.98
CA VAL A 662 -16.59 -14.77 6.60
C VAL A 662 -16.77 -15.23 8.05
N TRP A 663 -16.67 -16.52 8.31
CA TRP A 663 -16.80 -17.01 9.70
C TRP A 663 -15.69 -16.43 10.58
N MET A 664 -14.45 -16.45 10.07
CA MET A 664 -13.31 -15.95 10.84
C MET A 664 -13.41 -14.45 11.09
N TYR A 665 -13.90 -13.68 10.10
CA TYR A 665 -14.15 -12.25 10.28
C TYR A 665 -15.26 -11.96 11.33
N ARG A 666 -16.34 -12.72 11.26
CA ARG A 666 -17.46 -12.63 12.19
C ARG A 666 -17.04 -12.90 13.63
N ALA A 667 -16.08 -13.79 13.79
CA ALA A 667 -15.49 -14.06 15.08
C ALA A 667 -14.84 -12.86 15.80
N PHE A 668 -14.51 -11.78 15.10
CA PHE A 668 -13.97 -10.60 15.77
C PHE A 668 -15.00 -9.93 16.69
N THR A 669 -16.29 -10.10 16.38
CA THR A 669 -17.34 -9.52 17.22
C THR A 669 -18.39 -10.47 17.74
N ASN A 670 -18.60 -11.62 17.09
CA ASN A 670 -19.63 -12.55 17.55
C ASN A 670 -19.19 -13.97 17.31
N PRO A 671 -18.24 -14.43 18.13
CA PRO A 671 -17.68 -15.77 17.97
C PRO A 671 -18.68 -16.92 18.18
N ASP A 672 -19.75 -16.69 18.95
CA ASP A 672 -20.86 -17.68 19.05
C ASP A 672 -21.52 -17.96 17.69
N ASP A 673 -21.88 -16.88 16.99
CA ASP A 673 -22.44 -16.95 15.63
C ASP A 673 -21.44 -17.58 14.65
N ALA A 674 -20.20 -17.15 14.73
CA ALA A 674 -19.13 -17.71 13.87
C ALA A 674 -19.03 -19.23 14.05
N LEU A 675 -19.01 -19.66 15.32
CA LEU A 675 -18.96 -21.08 15.67
C LEU A 675 -20.16 -21.86 15.13
N GLN A 676 -21.37 -21.32 15.32
CA GLN A 676 -22.58 -22.01 14.87
C GLN A 676 -22.55 -22.22 13.37
N GLN A 677 -22.17 -21.20 12.63
CA GLN A 677 -22.07 -21.32 11.17
C GLN A 677 -21.03 -22.33 10.75
N MET A 678 -19.86 -22.22 11.35
CA MET A 678 -18.78 -23.17 11.12
C MET A 678 -19.23 -24.61 11.40
N GLU A 679 -19.83 -24.87 12.55
CA GLU A 679 -20.26 -26.24 12.87
C GLU A 679 -21.26 -26.78 11.83
N ALA A 680 -22.13 -25.93 11.31
CA ALA A 680 -23.13 -26.35 10.36
C ALA A 680 -22.58 -26.79 9.03
N SER A 681 -21.40 -26.29 8.63
CA SER A 681 -20.92 -26.50 7.25
C SER A 681 -19.49 -26.94 7.06
N ILE A 682 -18.61 -26.76 8.04
CA ILE A 682 -17.19 -27.00 7.80
C ILE A 682 -16.90 -28.42 7.31
N ASP A 683 -17.65 -29.39 7.81
CA ASP A 683 -17.39 -30.79 7.47
C ASP A 683 -18.09 -31.26 6.20
N ASP A 684 -18.66 -30.31 5.46
CA ASP A 684 -18.97 -30.56 4.08
C ASP A 684 -17.77 -30.40 3.16
N TYR A 685 -16.64 -29.93 3.66
CA TYR A 685 -15.38 -29.97 2.93
C TYR A 685 -14.59 -31.17 3.39
N GLY A 686 -14.05 -31.93 2.47
CA GLY A 686 -13.27 -33.13 2.84
C GLY A 686 -11.79 -32.87 2.73
N LEU A 687 -11.19 -33.40 1.68
CA LEU A 687 -9.81 -33.13 1.38
C LEU A 687 -9.74 -32.02 0.34
N PHE A 688 -8.53 -31.54 0.10
CA PHE A 688 -8.34 -30.41 -0.77
C PHE A 688 -9.10 -30.53 -2.10
N ASP A 689 -9.84 -29.49 -2.42
CA ASP A 689 -10.64 -29.47 -3.64
C ASP A 689 -10.47 -28.10 -4.33
N PRO A 690 -9.47 -27.99 -5.21
CA PRO A 690 -9.05 -26.72 -5.81
C PRO A 690 -10.18 -26.03 -6.58
N GLY A 691 -11.05 -26.81 -7.22
CA GLY A 691 -12.15 -26.27 -7.99
C GLY A 691 -13.39 -25.83 -7.22
N ASN A 692 -13.42 -26.03 -5.90
CA ASN A 692 -14.55 -25.57 -5.12
C ASN A 692 -14.17 -24.80 -3.84
N GLU A 693 -14.40 -23.49 -3.86
CA GLU A 693 -14.01 -22.59 -2.76
C GLU A 693 -15.22 -22.07 -1.98
N LYS A 694 -16.35 -22.74 -2.15
CA LYS A 694 -17.56 -22.35 -1.47
C LYS A 694 -17.42 -22.32 0.08
N ILE A 695 -16.80 -23.35 0.63
CA ILE A 695 -16.62 -23.52 2.07
C ILE A 695 -15.25 -23.03 2.53
N ILE A 696 -14.19 -23.51 1.87
CA ILE A 696 -12.82 -23.16 2.24
C ILE A 696 -12.14 -22.48 1.06
N GLU A 697 -11.73 -21.23 1.28
CA GLU A 697 -10.94 -20.49 0.33
C GLU A 697 -9.60 -21.19 0.12
N ARG A 698 -9.05 -21.16 -1.10
CA ARG A 698 -7.96 -22.08 -1.44
C ARG A 698 -6.58 -21.77 -0.82
N GLY A 699 -6.41 -20.57 -0.29
CA GLY A 699 -5.26 -20.26 0.51
C GLY A 699 -5.46 -20.52 1.99
N SER A 700 -6.60 -21.12 2.37
CA SER A 700 -6.87 -21.44 3.76
C SER A 700 -7.12 -22.94 3.96
N THR A 701 -7.30 -23.32 5.22
CA THR A 701 -7.57 -24.69 5.60
C THR A 701 -8.68 -24.78 6.67
N LYS A 702 -9.24 -25.97 6.80
CA LYS A 702 -10.16 -26.27 7.89
C LYS A 702 -9.44 -26.09 9.23
N ALA A 703 -8.20 -26.56 9.31
CA ALA A 703 -7.47 -26.48 10.58
C ALA A 703 -7.27 -25.04 11.05
N GLN A 704 -6.85 -24.18 10.14
CA GLN A 704 -6.66 -22.78 10.44
C GLN A 704 -8.00 -22.17 10.88
N THR A 705 -9.06 -22.46 10.14
CA THR A 705 -10.39 -21.96 10.43
C THR A 705 -10.87 -22.35 11.82
N TYR A 706 -10.74 -23.62 12.14
CA TYR A 706 -11.21 -24.19 13.41
C TYR A 706 -10.40 -23.64 14.58
N HIS A 707 -9.08 -23.57 14.39
CA HIS A 707 -8.17 -23.02 15.38
C HIS A 707 -8.44 -21.54 15.64
N TRP A 708 -8.59 -20.77 14.57
CA TRP A 708 -8.85 -19.33 14.68
C TRP A 708 -10.14 -19.01 15.44
N ILE A 709 -11.25 -19.56 14.99
CA ILE A 709 -12.56 -19.24 15.58
C ILE A 709 -12.67 -19.66 17.06
N HIS A 710 -12.20 -20.86 17.40
CA HIS A 710 -12.18 -21.28 18.80
C HIS A 710 -11.30 -20.43 19.71
N ASN A 711 -10.14 -19.99 19.19
CA ASN A 711 -9.30 -19.09 19.95
C ASN A 711 -9.99 -17.79 20.24
N LEU A 712 -10.57 -17.16 19.23
CA LEU A 712 -11.32 -15.92 19.41
C LEU A 712 -12.52 -16.11 20.37
N ALA A 713 -13.21 -17.25 20.30
CA ALA A 713 -14.30 -17.50 21.25
C ALA A 713 -13.78 -17.44 22.68
N GLU A 714 -12.59 -17.94 22.94
CA GLU A 714 -12.04 -17.92 24.29
C GLU A 714 -11.43 -16.59 24.71
N LEU A 715 -10.79 -15.94 23.76
CA LEU A 715 -10.08 -14.70 24.04
C LEU A 715 -10.97 -13.47 24.14
N GLY A 716 -12.02 -13.40 23.34
CA GLY A 716 -12.87 -12.21 23.30
C GLY A 716 -12.43 -11.22 22.25
N ARG A 717 -12.53 -9.93 22.56
CA ARG A 717 -12.27 -8.86 21.62
C ARG A 717 -10.81 -8.46 21.60
N VAL A 718 -10.26 -8.19 20.42
CA VAL A 718 -8.96 -7.53 20.33
C VAL A 718 -9.04 -6.24 21.14
N ASP A 719 -7.98 -5.95 21.88
CA ASP A 719 -7.98 -4.77 22.73
C ASP A 719 -6.83 -3.84 22.38
N PRO A 720 -7.08 -2.87 21.51
CA PRO A 720 -6.02 -1.99 21.05
C PRO A 720 -5.65 -0.90 22.04
N THR A 721 -6.36 -0.77 23.17
CA THR A 721 -6.03 0.29 24.14
C THR A 721 -4.83 -0.06 25.02
N VAL A 722 -4.30 -1.27 24.90
CA VAL A 722 -3.13 -1.67 25.66
C VAL A 722 -1.96 -1.94 24.71
N THR A 723 -0.85 -1.24 24.97
CA THR A 723 0.39 -1.45 24.26
C THR A 723 1.41 -2.12 25.18
N ALA A 724 2.55 -2.46 24.62
CA ALA A 724 3.61 -3.11 25.37
C ALA A 724 4.98 -2.63 24.91
N ASN A 725 6.00 -2.87 25.72
CA ASN A 725 7.37 -2.50 25.35
C ASN A 725 8.09 -3.62 24.62
N HIS A 726 7.36 -4.28 23.73
CA HIS A 726 7.88 -5.43 22.99
C HIS A 726 6.99 -5.46 21.73
N PRO A 727 7.58 -5.81 20.58
CA PRO A 727 6.81 -5.73 19.35
C PRO A 727 5.94 -6.95 19.01
N ILE A 728 6.16 -8.08 19.68
CA ILE A 728 5.46 -9.32 19.33
C ILE A 728 4.54 -9.70 20.49
N TYR A 729 3.29 -9.23 20.41
CA TYR A 729 2.30 -9.44 21.46
C TYR A 729 0.91 -9.14 20.92
N ALA A 730 -0.07 -9.46 21.74
CA ALA A 730 -1.44 -9.05 21.54
C ALA A 730 -2.14 -9.10 22.87
N VAL A 731 -3.12 -8.22 23.03
CA VAL A 731 -3.98 -8.18 24.19
C VAL A 731 -5.43 -8.35 23.76
N PHE A 732 -6.15 -9.22 24.46
CA PHE A 732 -7.55 -9.45 24.20
C PHE A 732 -8.32 -9.13 25.46
N ASN A 733 -9.60 -8.84 25.32
CA ASN A 733 -10.48 -8.54 26.44
C ASN A 733 -11.83 -9.19 26.22
N LYS A 734 -12.22 -10.04 27.17
CA LYS A 734 -13.51 -10.70 27.17
C LYS A 734 -14.28 -10.32 28.43
N ASN A 735 -15.17 -9.34 28.28
CA ASN A 735 -15.97 -8.77 29.39
C ASN A 735 -15.14 -8.32 30.59
N GLY A 736 -14.10 -7.54 30.36
CA GLY A 736 -13.23 -7.13 31.45
C GLY A 736 -12.08 -8.08 31.80
N ASN A 737 -12.13 -9.35 31.38
CA ASN A 737 -11.02 -10.26 31.58
C ASN A 737 -10.02 -10.17 30.41
N ARG A 738 -8.84 -9.61 30.64
CA ARG A 738 -7.81 -9.53 29.62
C ARG A 738 -6.86 -10.72 29.58
N THR A 739 -6.47 -11.09 28.37
CA THR A 739 -5.46 -12.13 28.11
C THR A 739 -4.31 -11.48 27.36
N TYR A 740 -3.09 -11.82 27.74
CA TYR A 740 -1.90 -11.15 27.26
C TYR A 740 -1.07 -12.20 26.63
N ILE A 741 -0.69 -12.01 25.38
CA ILE A 741 0.03 -13.03 24.65
C ILE A 741 1.32 -12.43 24.17
N VAL A 742 2.44 -13.09 24.39
CA VAL A 742 3.73 -12.59 23.95
C VAL A 742 4.54 -13.72 23.40
N TYR A 743 5.33 -13.47 22.35
CA TYR A 743 6.25 -14.46 21.85
C TYR A 743 7.66 -13.88 21.89
N ASN A 744 8.59 -14.68 22.39
CA ASN A 744 10.00 -14.26 22.53
C ASN A 744 10.86 -15.06 21.56
N PHE A 745 11.31 -14.39 20.49
CA PHE A 745 12.27 -14.94 19.51
C PHE A 745 13.74 -14.96 20.01
N SER A 746 14.09 -14.26 21.09
CA SER A 746 15.50 -14.11 21.50
C SER A 746 15.97 -15.32 22.34
N ASP A 747 17.30 -15.52 22.52
CA ASP A 747 17.78 -16.66 23.36
C ASP A 747 17.93 -16.13 24.83
N SER A 748 17.39 -14.93 25.12
CA SER A 748 17.33 -14.38 26.46
C SER A 748 15.88 -14.26 26.95
N PRO A 749 15.64 -14.59 28.23
CA PRO A 749 14.33 -14.37 28.80
C PRO A 749 14.08 -12.87 28.94
N ILE A 750 12.85 -12.47 28.72
CA ILE A 750 12.48 -11.06 28.77
C ILE A 750 11.29 -10.86 29.70
N THR A 751 11.19 -9.66 30.24
CA THR A 751 10.00 -9.21 30.94
C THR A 751 9.30 -8.16 30.07
N VAL A 752 8.05 -8.40 29.74
CA VAL A 752 7.27 -7.43 28.96
C VAL A 752 6.32 -6.62 29.83
N GLN A 753 6.40 -5.30 29.72
CA GLN A 753 5.51 -4.39 30.45
C GLN A 753 4.39 -3.95 29.52
N PHE A 754 3.16 -4.06 30.01
CA PHE A 754 1.98 -3.58 29.30
C PHE A 754 1.55 -2.25 29.90
N SER A 755 0.91 -1.44 29.08
CA SER A 755 0.59 -0.06 29.45
C SER A 755 -0.46 0.01 30.56
N ASP A 756 -1.21 -1.06 30.79
CA ASP A 756 -2.16 -1.10 31.90
C ASP A 756 -1.55 -1.60 33.23
N GLY A 757 -0.24 -1.83 33.28
CA GLY A 757 0.42 -2.27 34.52
C GLY A 757 0.77 -3.73 34.57
N HIS A 758 0.15 -4.55 33.72
CA HIS A 758 0.43 -5.97 33.73
C HIS A 758 1.85 -6.22 33.22
N SER A 759 2.44 -7.29 33.73
CA SER A 759 3.79 -7.66 33.45
C SER A 759 3.84 -9.15 33.21
N ILE A 760 4.76 -9.62 32.38
CA ILE A 760 4.90 -11.05 32.19
C ILE A 760 6.36 -11.43 31.86
N GLN A 761 6.82 -12.57 32.38
CA GLN A 761 8.11 -13.13 31.97
C GLN A 761 7.97 -14.17 30.85
N VAL A 762 8.79 -14.07 29.82
CA VAL A 762 8.73 -15.00 28.70
C VAL A 762 10.10 -15.61 28.44
N GLU A 763 10.12 -16.94 28.38
CA GLU A 763 11.34 -17.69 28.18
C GLU A 763 11.86 -17.56 26.73
N PRO A 764 13.16 -17.84 26.50
CA PRO A 764 13.69 -17.80 25.14
C PRO A 764 12.94 -18.72 24.19
N HIS A 765 12.78 -18.30 22.94
CA HIS A 765 12.20 -19.13 21.89
C HIS A 765 10.80 -19.65 22.25
N SER A 766 9.94 -18.85 22.88
CA SER A 766 8.60 -19.35 23.18
C SER A 766 7.53 -18.28 23.42
N PHE A 767 6.27 -18.75 23.51
CA PHE A 767 5.13 -17.97 23.94
C PHE A 767 5.09 -17.92 25.47
N ASN A 768 4.44 -16.90 25.99
CA ASN A 768 3.81 -16.98 27.28
C ASN A 768 2.49 -16.22 27.23
N ILE A 769 1.59 -16.62 28.10
CA ILE A 769 0.23 -16.11 28.15
C ILE A 769 -0.06 -15.77 29.60
N GLY A 770 -0.62 -14.58 29.83
CA GLY A 770 -1.05 -14.16 31.15
C GLY A 770 -2.50 -13.67 31.12
N ASN A 771 -3.09 -13.55 32.32
CA ASN A 771 -4.47 -13.04 32.51
C ASN A 771 -4.52 -11.94 33.56
N GLY A 772 -5.55 -11.08 33.50
CA GLY A 772 -5.72 -9.98 34.47
C GLY A 772 -7.12 -9.39 34.45
#